data_4JKU
#
_entry.id   4JKU
#
_cell.length_a   81.529
_cell.length_b   91.249
_cell.length_c   92.017
_cell.angle_alpha   90.000
_cell.angle_beta   90.000
_cell.angle_gamma   90.000
#
_symmetry.space_group_name_H-M   'P 21 21 21'
#
loop_
_entity.id
_entity.type
_entity.pdbx_description
1 polymer 'Probable sugar kinase protein'
2 non-polymer ADENOSINE
3 non-polymer 'quinoline-2-carboxylic acid'
4 non-polymer 'DIMETHYL SULFOXIDE'
5 water water
#
_entity_poly.entity_id   1
_entity_poly.type   'polypeptide(L)'
_entity_poly.pdbx_seq_one_letter_code
;(MSE)HHHHHHSSGVDLGTENLYFQS(MSE)TRFDVLTVGNAIVDIISRCNDQFLIDNQITKAA(MSE)NLIDAERAELL
YSR(MSE)GPALEASGGSAGNTAAGVANLGGKAAYFGNVAADQLGDIFTHDIRAQGVHYQTKPKGAFPPTARS(MSE)IF
VTEDGERS(MSE)NTYLGACVELGPEDVEADVVADAKVTYFEGYLWDPPRAKEAILDCARIAHQHGRE(MSE)S(MSE)T
LSDSFCVDRYRGEFLDL(MSE)RSGKVDIVFANRQEALSLYQTDDFEEALNRIAADCKIAAVT(MSE)SENGAVILKGRE
RYYVNAIRIREVVDTTGAGDLFASGFLYGYTQGRSLEDCGKLGCLAAGIVIQQIGPRP(MSE)TSLSEAAKQAGLI
;
_entity_poly.pdbx_strand_id   A,B
#
loop_
_chem_comp.id
_chem_comp.type
_chem_comp.name
_chem_comp.formula
ADN non-polymer ADENOSINE 'C10 H13 N5 O4'
DMS non-polymer 'DIMETHYL SULFOXIDE' 'C2 H6 O S'
QNC non-polymer 'quinoline-2-carboxylic acid' 'C10 H7 N O2'
#
# COMPACT_ATOMS: atom_id res chain seq x y z
N MSE A 23 23.99 19.00 -24.02
CA MSE A 23 23.12 18.53 -22.90
C MSE A 23 22.78 17.08 -23.09
O MSE A 23 22.95 16.51 -24.18
CB MSE A 23 21.85 19.36 -22.80
CG MSE A 23 21.13 19.45 -24.14
SE MSE A 23 20.08 21.13 -24.23
CE MSE A 23 19.42 20.78 -26.05
N THR A 24 22.29 16.47 -22.01
CA THR A 24 21.99 15.06 -21.97
C THR A 24 20.51 14.89 -21.66
N ARG A 25 19.97 13.71 -21.96
CA ARG A 25 18.54 13.49 -21.77
C ARG A 25 18.20 12.99 -20.39
N PHE A 26 19.18 12.39 -19.70
CA PHE A 26 18.97 11.84 -18.34
C PHE A 26 20.09 12.18 -17.39
N ASP A 27 19.71 12.41 -16.13
CA ASP A 27 20.71 12.54 -15.10
C ASP A 27 21.16 11.17 -14.63
N VAL A 28 20.18 10.31 -14.33
CA VAL A 28 20.48 9.04 -13.72
C VAL A 28 19.60 7.98 -14.34
N LEU A 29 20.26 6.97 -14.91
CA LEU A 29 19.61 5.72 -15.31
C LEU A 29 19.89 4.71 -14.21
N THR A 30 18.86 4.03 -13.73
CA THR A 30 19.11 2.95 -12.77
C THR A 30 18.65 1.63 -13.36
N VAL A 31 19.24 0.54 -12.87
CA VAL A 31 18.95 -0.80 -13.41
C VAL A 31 18.84 -1.74 -12.21
N GLY A 32 17.76 -2.50 -12.16
CA GLY A 32 17.49 -3.33 -11.02
C GLY A 32 16.43 -4.39 -11.23
N ASN A 33 16.21 -5.17 -10.20
CA ASN A 33 15.11 -6.11 -10.11
C ASN A 33 13.80 -5.39 -9.89
N ALA A 34 12.91 -5.43 -10.88
CA ALA A 34 11.60 -4.79 -10.79
C ALA A 34 10.68 -5.61 -9.88
N ILE A 35 10.31 -5.06 -8.73
CA ILE A 35 9.59 -5.78 -7.68
C ILE A 35 8.43 -4.96 -7.13
N VAL A 36 7.34 -5.63 -6.78
CA VAL A 36 6.25 -5.02 -5.99
C VAL A 36 6.35 -5.54 -4.59
N ASP A 37 6.32 -4.61 -3.62
CA ASP A 37 6.42 -5.00 -2.22
C ASP A 37 5.08 -5.29 -1.60
N ILE A 38 5.09 -6.30 -0.73
CA ILE A 38 3.94 -6.70 0.06
C ILE A 38 4.41 -6.56 1.51
N ILE A 39 3.82 -5.59 2.23
CA ILE A 39 4.40 -5.10 3.48
C ILE A 39 3.45 -5.36 4.65
N SER A 40 4.02 -5.86 5.74
CA SER A 40 3.26 -6.13 6.95
C SER A 40 4.19 -5.96 8.15
N ARG A 41 3.59 -5.66 9.29
CA ARG A 41 4.31 -5.63 10.53
C ARG A 41 4.29 -7.00 11.18
N CYS A 42 5.35 -7.33 11.90
CA CYS A 42 5.40 -8.59 12.63
C CYS A 42 6.14 -8.43 13.94
N ASN A 43 5.95 -9.39 14.85
CA ASN A 43 6.76 -9.44 16.07
C ASN A 43 8.10 -10.12 15.78
N ASP A 44 9.07 -10.02 16.68
CA ASP A 44 10.39 -10.60 16.43
CA ASP A 44 10.39 -10.60 16.47
C ASP A 44 10.35 -12.13 16.40
N GLN A 45 9.43 -12.72 17.17
CA GLN A 45 9.31 -14.18 17.16
C GLN A 45 8.92 -14.73 15.78
N PHE A 46 8.15 -13.96 15.01
CA PHE A 46 7.75 -14.38 13.68
C PHE A 46 8.97 -14.67 12.81
N LEU A 47 9.99 -13.82 12.89
CA LEU A 47 11.20 -14.00 12.08
C LEU A 47 11.91 -15.27 12.47
N ILE A 48 12.01 -15.52 13.77
CA ILE A 48 12.69 -16.69 14.29
C ILE A 48 11.93 -17.96 13.89
N ASP A 49 10.62 -17.98 14.10
CA ASP A 49 9.79 -19.16 13.74
C ASP A 49 9.86 -19.51 12.25
N ASN A 50 10.00 -18.50 11.41
CA ASN A 50 10.00 -18.69 9.96
C ASN A 50 11.38 -18.72 9.33
N GLN A 51 12.41 -18.69 10.17
CA GLN A 51 13.81 -18.75 9.75
C GLN A 51 14.11 -17.70 8.67
N ILE A 52 13.55 -16.51 8.90
CA ILE A 52 13.82 -15.32 8.08
C ILE A 52 15.01 -14.58 8.69
N THR A 53 16.04 -14.34 7.89
CA THR A 53 17.19 -13.58 8.37
C THR A 53 16.79 -12.10 8.54
N LYS A 54 16.88 -11.59 9.78
CA LYS A 54 16.44 -10.22 10.05
C LYS A 54 17.31 -9.19 9.33
N ALA A 55 16.67 -8.14 8.81
CA ALA A 55 17.34 -7.03 8.16
C ALA A 55 17.98 -7.36 6.81
N ALA A 56 17.79 -8.59 6.34
CA ALA A 56 18.40 -9.04 5.06
C ALA A 56 17.39 -9.22 3.94
N MSE A 57 17.93 -9.31 2.73
CA MSE A 57 17.18 -9.78 1.59
C MSE A 57 17.34 -11.30 1.51
O MSE A 57 18.46 -11.81 1.35
CB MSE A 57 17.74 -9.06 0.37
CG MSE A 57 16.76 -9.09 -0.79
SE MSE A 57 16.72 -10.82 -1.70
CE MSE A 57 18.56 -10.84 -2.37
N ASN A 58 16.22 -11.99 1.67
CA ASN A 58 16.16 -13.45 1.67
C ASN A 58 15.50 -13.92 0.35
N LEU A 59 16.28 -14.52 -0.55
CA LEU A 59 15.71 -15.11 -1.78
C LEU A 59 14.88 -16.34 -1.49
N ILE A 60 13.72 -16.40 -2.12
CA ILE A 60 12.79 -17.50 -1.95
C ILE A 60 12.23 -17.98 -3.28
N ASP A 61 11.91 -19.28 -3.29
CA ASP A 61 11.21 -19.85 -4.45
C ASP A 61 9.70 -19.68 -4.38
N ALA A 62 8.99 -20.10 -5.42
CA ALA A 62 7.56 -19.89 -5.50
C ALA A 62 6.84 -20.59 -4.36
N GLU A 63 7.29 -21.79 -4.02
CA GLU A 63 6.66 -22.57 -2.96
C GLU A 63 6.81 -21.86 -1.61
N ARG A 64 8.03 -21.39 -1.30
CA ARG A 64 8.27 -20.68 -0.05
C ARG A 64 7.48 -19.36 -0.04
N ALA A 65 7.38 -18.72 -1.19
CA ALA A 65 6.57 -17.50 -1.32
C ALA A 65 5.13 -17.75 -0.88
N GLU A 66 4.53 -18.83 -1.39
CA GLU A 66 3.17 -19.20 -0.99
C GLU A 66 3.09 -19.48 0.52
N LEU A 67 4.07 -20.21 1.04
CA LEU A 67 4.09 -20.57 2.46
C LEU A 67 4.13 -19.31 3.32
N LEU A 68 5.11 -18.45 3.09
CA LEU A 68 5.24 -17.23 3.90
C LEU A 68 4.02 -16.33 3.76
N TYR A 69 3.48 -16.20 2.55
CA TYR A 69 2.28 -15.40 2.38
C TYR A 69 1.14 -15.94 3.22
N SER A 70 0.99 -17.27 3.30
CA SER A 70 -0.10 -17.84 4.07
C SER A 70 -0.01 -17.52 5.57
N ARG A 71 1.21 -17.22 6.03
CA ARG A 71 1.46 -16.89 7.44
C ARG A 71 1.49 -15.41 7.71
N MSE A 72 1.48 -14.62 6.64
CA MSE A 72 1.56 -13.15 6.76
C MSE A 72 0.23 -12.55 7.09
O MSE A 72 -0.81 -13.00 6.61
CB MSE A 72 2.06 -12.59 5.43
CG MSE A 72 2.32 -11.10 5.51
SE MSE A 72 3.00 -10.63 3.73
CE MSE A 72 4.28 -9.23 4.23
N GLY A 73 0.23 -11.51 7.90
CA GLY A 73 -1.01 -10.79 8.18
C GLY A 73 -1.49 -9.95 7.02
N PRO A 74 -2.62 -9.24 7.21
CA PRO A 74 -3.10 -8.33 6.17
C PRO A 74 -1.96 -7.39 5.80
N ALA A 75 -1.86 -7.08 4.52
CA ALA A 75 -0.70 -6.36 3.98
C ALA A 75 -1.09 -5.17 3.10
N LEU A 76 -0.05 -4.39 2.79
CA LEU A 76 -0.15 -3.23 1.92
CA LEU A 76 -0.17 -3.26 1.89
C LEU A 76 0.78 -3.50 0.73
N GLU A 77 0.39 -3.05 -0.46
CA GLU A 77 1.28 -3.22 -1.60
C GLU A 77 1.76 -1.89 -2.11
N ALA A 78 3.01 -1.89 -2.56
CA ALA A 78 3.63 -0.70 -3.08
C ALA A 78 4.76 -1.09 -4.00
N SER A 79 4.86 -0.38 -5.12
CA SER A 79 6.00 -0.55 -6.00
C SER A 79 7.31 -0.42 -5.24
N GLY A 80 8.21 -1.35 -5.51
CA GLY A 80 9.52 -1.42 -4.89
C GLY A 80 10.68 -1.61 -5.88
N GLY A 81 11.62 -2.47 -5.51
CA GLY A 81 12.85 -2.64 -6.24
C GLY A 81 13.83 -1.55 -5.86
N SER A 82 14.99 -1.95 -5.38
CA SER A 82 15.96 -0.98 -4.85
CA SER A 82 15.97 -0.97 -4.86
C SER A 82 16.28 0.14 -5.86
N ALA A 83 16.69 -0.24 -7.07
CA ALA A 83 17.06 0.72 -8.10
C ALA A 83 15.81 1.49 -8.59
N GLY A 84 14.64 0.84 -8.58
CA GLY A 84 13.41 1.50 -8.93
C GLY A 84 13.13 2.67 -8.00
N ASN A 85 13.21 2.35 -6.71
CA ASN A 85 13.06 3.37 -5.64
C ASN A 85 14.03 4.51 -5.85
N THR A 86 15.28 4.17 -6.17
CA THR A 86 16.29 5.18 -6.44
C THR A 86 15.94 6.08 -7.62
N ALA A 87 15.50 5.51 -8.73
CA ALA A 87 15.10 6.33 -9.85
C ALA A 87 13.92 7.24 -9.50
N ALA A 88 12.91 6.68 -8.81
CA ALA A 88 11.75 7.43 -8.40
C ALA A 88 12.18 8.60 -7.52
N GLY A 89 13.16 8.35 -6.65
CA GLY A 89 13.63 9.40 -5.73
C GLY A 89 14.35 10.53 -6.45
N VAL A 90 15.18 10.20 -7.46
CA VAL A 90 15.82 11.21 -8.30
C VAL A 90 14.76 12.11 -8.97
N ALA A 91 13.71 11.50 -9.52
CA ALA A 91 12.67 12.25 -10.18
C ALA A 91 11.89 13.14 -9.21
N ASN A 92 11.64 12.63 -8.02
CA ASN A 92 10.89 13.34 -6.98
C ASN A 92 11.69 14.59 -6.66
N LEU A 93 13.02 14.44 -6.54
CA LEU A 93 13.89 15.60 -6.28
C LEU A 93 13.94 16.64 -7.38
N GLY A 94 13.50 16.27 -8.58
CA GLY A 94 13.49 17.17 -9.72
C GLY A 94 14.48 16.83 -10.82
N GLY A 95 15.26 15.76 -10.62
CA GLY A 95 16.17 15.28 -11.64
C GLY A 95 15.45 14.48 -12.70
N LYS A 96 16.19 14.20 -13.73
CA LYS A 96 15.72 13.33 -14.85
CA LYS A 96 15.66 13.34 -14.83
C LYS A 96 16.21 11.84 -14.75
N ALA A 97 15.23 10.95 -14.56
CA ALA A 97 15.59 9.56 -14.32
C ALA A 97 15.04 8.61 -15.39
N ALA A 98 15.77 7.52 -15.58
CA ALA A 98 15.28 6.39 -16.40
C ALA A 98 15.51 5.12 -15.61
N TYR A 99 14.88 4.01 -16.03
CA TYR A 99 14.98 2.76 -15.30
C TYR A 99 14.90 1.60 -16.28
N PHE A 100 15.77 0.63 -16.09
CA PHE A 100 15.62 -0.67 -16.78
C PHE A 100 15.29 -1.73 -15.73
N GLY A 101 14.29 -2.56 -16.01
CA GLY A 101 13.88 -3.63 -15.10
C GLY A 101 12.73 -4.39 -15.75
N ASN A 102 12.68 -5.70 -15.52
CA ASN A 102 11.69 -6.52 -16.23
C ASN A 102 10.57 -7.00 -15.32
N VAL A 103 9.36 -6.62 -15.69
CA VAL A 103 8.14 -7.14 -15.10
C VAL A 103 7.47 -8.15 -16.06
N ALA A 104 6.41 -8.76 -15.57
CA ALA A 104 5.54 -9.59 -16.40
C ALA A 104 4.33 -8.79 -16.85
N ALA A 105 3.65 -9.30 -17.89
CA ALA A 105 2.44 -8.70 -18.39
C ALA A 105 1.28 -9.19 -17.52
N ASP A 106 1.27 -8.72 -16.27
CA ASP A 106 0.22 -9.09 -15.33
C ASP A 106 -0.12 -7.86 -14.47
N GLN A 107 -1.03 -8.05 -13.53
CA GLN A 107 -1.55 -6.94 -12.74
C GLN A 107 -0.45 -6.30 -11.91
N LEU A 108 0.39 -7.09 -11.27
CA LEU A 108 1.53 -6.53 -10.50
C LEU A 108 2.49 -5.75 -11.40
N GLY A 109 2.76 -6.26 -12.60
CA GLY A 109 3.60 -5.55 -13.52
C GLY A 109 2.99 -4.23 -13.94
N ASP A 110 1.66 -4.21 -14.08
CA ASP A 110 0.96 -3.02 -14.52
C ASP A 110 1.04 -1.96 -13.42
N ILE A 111 0.93 -2.42 -12.19
CA ILE A 111 1.14 -1.53 -11.03
C ILE A 111 2.54 -0.93 -11.05
N PHE A 112 3.55 -1.80 -11.13
CA PHE A 112 4.92 -1.38 -11.23
C PHE A 112 5.14 -0.35 -12.34
N THR A 113 4.67 -0.64 -13.54
CA THR A 113 4.85 0.25 -14.66
C THR A 113 4.21 1.60 -14.43
N HIS A 114 2.98 1.57 -13.90
CA HIS A 114 2.27 2.80 -13.63
C HIS A 114 3.02 3.65 -12.64
N ASP A 115 3.43 3.07 -11.53
CA ASP A 115 3.98 3.89 -10.43
C ASP A 115 5.25 4.57 -10.84
N ILE A 116 6.14 3.89 -11.55
CA ILE A 116 7.38 4.50 -11.90
C ILE A 116 7.24 5.53 -13.02
N ARG A 117 6.46 5.22 -14.04
CA ARG A 117 6.20 6.20 -15.09
C ARG A 117 5.42 7.43 -14.57
N ALA A 118 4.55 7.24 -13.57
CA ALA A 118 3.73 8.32 -13.01
C ALA A 118 4.61 9.32 -12.29
N GLN A 119 5.74 8.84 -11.78
CA GLN A 119 6.74 9.69 -11.13
C GLN A 119 7.60 10.48 -12.13
N GLY A 120 7.43 10.20 -13.43
CA GLY A 120 8.18 10.86 -14.49
C GLY A 120 9.51 10.21 -14.83
N VAL A 121 9.68 8.97 -14.38
CA VAL A 121 10.83 8.14 -14.75
C VAL A 121 10.57 7.46 -16.13
N HIS A 122 11.53 7.63 -17.03
CA HIS A 122 11.48 6.89 -18.32
C HIS A 122 11.57 5.40 -18.03
N TYR A 123 10.53 4.66 -18.42
CA TYR A 123 10.50 3.21 -18.21
C TYR A 123 9.84 2.51 -19.38
N GLN A 124 10.69 1.81 -20.15
CA GLN A 124 10.25 1.25 -21.42
CA GLN A 124 10.28 1.24 -21.42
C GLN A 124 10.61 -0.24 -21.60
N THR A 125 11.10 -0.92 -20.55
CA THR A 125 11.42 -2.35 -20.61
C THR A 125 10.14 -3.12 -20.83
N LYS A 126 10.14 -3.94 -21.89
CA LYS A 126 8.94 -4.61 -22.36
C LYS A 126 8.81 -5.98 -21.71
N PRO A 127 7.63 -6.31 -21.16
CA PRO A 127 7.51 -7.64 -20.58
C PRO A 127 7.56 -8.68 -21.70
N LYS A 128 8.04 -9.88 -21.36
CA LYS A 128 8.16 -10.97 -22.34
C LYS A 128 6.94 -11.92 -22.44
N GLY A 129 5.99 -11.75 -21.54
CA GLY A 129 4.81 -12.56 -21.37
C GLY A 129 4.34 -12.42 -19.94
N ALA A 130 3.39 -13.24 -19.54
CA ALA A 130 2.80 -13.25 -18.22
C ALA A 130 3.51 -14.17 -17.22
N PHE A 131 4.41 -15.02 -17.71
CA PHE A 131 5.01 -16.08 -16.89
C PHE A 131 6.50 -16.24 -17.20
N PRO A 132 7.37 -16.25 -16.15
CA PRO A 132 7.04 -16.13 -14.73
C PRO A 132 6.42 -14.77 -14.38
N PRO A 133 5.63 -14.73 -13.30
CA PRO A 133 4.95 -13.47 -12.96
C PRO A 133 5.90 -12.43 -12.37
N THR A 134 5.39 -11.22 -12.23
CA THR A 134 6.16 -10.12 -11.70
C THR A 134 6.70 -10.43 -10.31
N ALA A 135 7.94 -10.01 -10.07
CA ALA A 135 8.60 -10.25 -8.79
C ALA A 135 7.86 -9.54 -7.68
N ARG A 136 7.89 -10.17 -6.52
CA ARG A 136 7.34 -9.55 -5.31
C ARG A 136 8.19 -9.89 -4.12
N SER A 137 8.20 -8.96 -3.16
CA SER A 137 8.96 -9.18 -1.96
C SER A 137 8.06 -8.99 -0.76
N MSE A 138 8.00 -10.01 0.10
CA MSE A 138 7.26 -9.92 1.34
C MSE A 138 8.19 -9.31 2.34
O MSE A 138 9.23 -9.90 2.69
CB MSE A 138 6.71 -11.24 1.82
CG MSE A 138 5.49 -11.48 0.96
SE MSE A 138 4.96 -13.32 1.30
CE MSE A 138 6.35 -14.17 0.20
N ILE A 139 7.84 -8.10 2.78
CA ILE A 139 8.70 -7.34 3.68
C ILE A 139 8.01 -7.23 5.03
N PHE A 140 8.70 -7.80 6.04
CA PHE A 140 8.22 -7.80 7.42
C PHE A 140 8.94 -6.72 8.23
N VAL A 141 8.16 -5.81 8.76
CA VAL A 141 8.71 -4.69 9.53
C VAL A 141 8.48 -4.98 11.01
N THR A 142 9.58 -5.05 11.77
CA THR A 142 9.52 -5.30 13.21
C THR A 142 9.33 -3.96 13.97
N GLU A 143 9.10 -4.06 15.28
CA GLU A 143 8.80 -2.89 16.14
C GLU A 143 9.89 -1.81 16.13
N ASP A 144 11.14 -2.24 15.98
CA ASP A 144 12.29 -1.34 15.85
C ASP A 144 12.43 -0.65 14.48
N GLY A 145 11.51 -0.93 13.56
CA GLY A 145 11.53 -0.32 12.24
C GLY A 145 12.40 -1.04 11.22
N GLU A 146 13.05 -2.13 11.63
CA GLU A 146 13.87 -2.90 10.70
CA GLU A 146 13.87 -2.92 10.72
C GLU A 146 12.98 -3.66 9.74
N ARG A 147 13.51 -3.85 8.54
CA ARG A 147 12.78 -4.59 7.50
CA ARG A 147 12.78 -4.58 7.49
C ARG A 147 13.54 -5.86 7.05
N SER A 148 12.76 -6.94 6.90
CA SER A 148 13.32 -8.22 6.50
C SER A 148 12.54 -8.66 5.26
N MSE A 149 13.28 -8.77 4.16
CA MSE A 149 12.64 -8.97 2.86
C MSE A 149 12.76 -10.39 2.39
O MSE A 149 13.79 -11.04 2.56
CB MSE A 149 13.23 -8.02 1.82
CG MSE A 149 13.42 -6.65 2.47
SE MSE A 149 13.77 -5.35 1.06
CE MSE A 149 15.58 -5.94 0.59
N ASN A 150 11.67 -10.85 1.77
CA ASN A 150 11.63 -12.21 1.26
C ASN A 150 11.15 -12.21 -0.19
N THR A 151 12.09 -12.39 -1.12
CA THR A 151 11.90 -11.98 -2.50
C THR A 151 11.86 -13.17 -3.44
N TYR A 152 10.75 -13.25 -4.16
CA TYR A 152 10.61 -14.21 -5.27
C TYR A 152 10.86 -13.42 -6.56
N LEU A 153 11.93 -13.78 -7.26
CA LEU A 153 12.38 -12.96 -8.39
C LEU A 153 11.48 -12.98 -9.64
N GLY A 154 10.76 -14.10 -9.88
CA GLY A 154 9.83 -14.19 -11.01
C GLY A 154 10.44 -13.69 -12.32
N ALA A 155 9.73 -12.76 -12.97
CA ALA A 155 10.12 -12.22 -14.26
C ALA A 155 11.50 -11.56 -14.31
N CYS A 156 12.02 -11.20 -13.14
CA CYS A 156 13.33 -10.57 -13.07
C CYS A 156 14.46 -11.45 -13.63
N VAL A 157 14.24 -12.77 -13.65
CA VAL A 157 15.25 -13.70 -14.16
C VAL A 157 15.44 -13.54 -15.68
N GLU A 158 14.51 -12.83 -16.33
CA GLU A 158 14.54 -12.64 -17.80
C GLU A 158 15.27 -11.37 -18.25
N LEU A 159 15.60 -10.47 -17.32
CA LEU A 159 16.35 -9.28 -17.69
C LEU A 159 17.68 -9.67 -18.31
N GLY A 160 17.98 -9.13 -19.48
CA GLY A 160 19.24 -9.42 -20.15
C GLY A 160 19.68 -8.33 -21.09
N PRO A 161 20.75 -8.59 -21.87
CA PRO A 161 21.31 -7.56 -22.75
C PRO A 161 20.29 -6.95 -23.72
N GLU A 162 19.27 -7.73 -24.10
CA GLU A 162 18.24 -7.25 -25.01
C GLU A 162 17.41 -6.09 -24.45
N ASP A 163 17.48 -5.92 -23.12
CA ASP A 163 16.73 -4.87 -22.44
C ASP A 163 17.55 -3.58 -22.26
N VAL A 164 18.79 -3.57 -22.76
CA VAL A 164 19.60 -2.36 -22.71
C VAL A 164 19.17 -1.40 -23.84
N GLU A 165 18.67 -0.23 -23.46
CA GLU A 165 18.31 0.81 -24.40
C GLU A 165 19.58 1.63 -24.54
N ALA A 166 20.36 1.32 -25.57
CA ALA A 166 21.71 1.91 -25.72
C ALA A 166 21.71 3.44 -25.76
N ASP A 167 20.73 4.04 -26.43
CA ASP A 167 20.59 5.50 -26.48
CA ASP A 167 20.62 5.50 -26.48
C ASP A 167 20.41 6.09 -25.07
N VAL A 168 19.68 5.37 -24.21
CA VAL A 168 19.41 5.86 -22.85
C VAL A 168 20.71 5.86 -22.05
N VAL A 169 21.47 4.78 -22.09
CA VAL A 169 22.76 4.69 -21.39
C VAL A 169 23.71 5.81 -21.85
N ALA A 170 23.80 5.98 -23.17
CA ALA A 170 24.69 6.95 -23.77
C ALA A 170 24.35 8.38 -23.38
N ASP A 171 23.06 8.64 -23.13
CA ASP A 171 22.55 9.99 -22.85
C ASP A 171 22.29 10.21 -21.36
N ALA A 172 22.75 9.28 -20.53
CA ALA A 172 22.60 9.44 -19.08
C ALA A 172 23.90 9.80 -18.37
N LYS A 173 23.89 10.84 -17.52
CA LYS A 173 25.13 11.21 -16.89
C LYS A 173 25.71 10.09 -16.03
N VAL A 174 24.83 9.37 -15.33
CA VAL A 174 25.22 8.28 -14.45
C VAL A 174 24.27 7.11 -14.70
N THR A 175 24.85 5.90 -14.82
CA THR A 175 24.10 4.66 -14.80
C THR A 175 24.47 3.93 -13.52
N TYR A 176 23.46 3.71 -12.70
CA TYR A 176 23.56 3.06 -11.40
C TYR A 176 22.86 1.70 -11.41
N PHE A 177 23.47 0.71 -10.78
CA PHE A 177 22.85 -0.63 -10.75
C PHE A 177 22.98 -1.33 -9.40
N GLU A 178 22.10 -2.28 -9.14
CA GLU A 178 22.12 -3.08 -7.92
C GLU A 178 23.11 -4.23 -7.94
N GLY A 179 23.84 -4.43 -6.85
CA GLY A 179 24.52 -5.70 -6.63
C GLY A 179 23.55 -6.90 -6.70
N TYR A 180 22.31 -6.69 -6.29
CA TYR A 180 21.24 -7.67 -6.35
C TYR A 180 21.09 -8.29 -7.75
N LEU A 181 21.54 -7.58 -8.79
CA LEU A 181 21.41 -8.09 -10.19
C LEU A 181 22.29 -9.29 -10.43
N TRP A 182 23.21 -9.59 -9.53
CA TRP A 182 24.07 -10.75 -9.70
C TRP A 182 23.34 -12.08 -9.40
N ASP A 183 22.16 -12.01 -8.79
CA ASP A 183 21.40 -13.22 -8.46
C ASP A 183 20.72 -13.81 -9.71
N PRO A 184 19.95 -12.99 -10.46
CA PRO A 184 19.38 -13.56 -11.71
C PRO A 184 20.46 -13.93 -12.71
N PRO A 185 20.14 -14.77 -13.72
CA PRO A 185 21.27 -15.28 -14.46
C PRO A 185 21.94 -14.35 -15.47
N ARG A 186 21.16 -13.58 -16.20
CA ARG A 186 21.71 -12.82 -17.34
CA ARG A 186 21.70 -12.84 -17.35
C ARG A 186 21.81 -11.33 -17.17
N ALA A 187 21.37 -10.82 -16.01
CA ALA A 187 21.36 -9.38 -15.77
C ALA A 187 22.77 -8.80 -15.83
N LYS A 188 23.75 -9.53 -15.31
CA LYS A 188 25.13 -9.05 -15.33
C LYS A 188 25.64 -8.75 -16.73
N GLU A 189 25.18 -9.51 -17.72
CA GLU A 189 25.62 -9.23 -19.06
C GLU A 189 25.09 -7.89 -19.54
N ALA A 190 23.84 -7.57 -19.19
CA ALA A 190 23.29 -6.22 -19.48
C ALA A 190 24.12 -5.12 -18.82
N ILE A 191 24.51 -5.36 -17.58
CA ILE A 191 25.32 -4.39 -16.85
C ILE A 191 26.68 -4.17 -17.51
N LEU A 192 27.36 -5.25 -17.91
CA LEU A 192 28.62 -5.09 -18.65
C LEU A 192 28.44 -4.29 -19.96
N ASP A 193 27.32 -4.50 -20.66
CA ASP A 193 27.04 -3.73 -21.87
C ASP A 193 26.85 -2.26 -21.51
N CYS A 194 26.08 -2.02 -20.45
CA CYS A 194 25.90 -0.66 -19.89
C CYS A 194 27.23 0.03 -19.59
N ALA A 195 28.13 -0.65 -18.87
CA ALA A 195 29.44 -0.05 -18.53
C ALA A 195 30.23 0.35 -19.76
N ARG A 196 30.19 -0.50 -20.78
CA ARG A 196 30.90 -0.23 -22.02
C ARG A 196 30.36 1.02 -22.69
N ILE A 197 29.03 1.06 -22.84
CA ILE A 197 28.35 2.20 -23.48
C ILE A 197 28.57 3.48 -22.70
N ALA A 198 28.33 3.42 -21.40
CA ALA A 198 28.45 4.61 -20.55
C ALA A 198 29.85 5.21 -20.65
N HIS A 199 30.85 4.35 -20.47
CA HIS A 199 32.22 4.82 -20.55
C HIS A 199 32.67 5.29 -21.92
N GLN A 200 32.15 4.67 -22.99
CA GLN A 200 32.47 5.13 -24.34
C GLN A 200 31.90 6.52 -24.64
N HIS A 201 30.83 6.89 -23.93
CA HIS A 201 30.23 8.20 -24.06
C HIS A 201 30.62 9.17 -22.95
N GLY A 202 31.64 8.82 -22.18
CA GLY A 202 32.20 9.71 -21.15
C GLY A 202 31.33 9.87 -19.90
N ARG A 203 30.40 8.93 -19.70
CA ARG A 203 29.51 8.95 -18.54
C ARG A 203 30.14 8.18 -17.40
N GLU A 204 29.45 8.16 -16.26
CA GLU A 204 29.92 7.39 -15.12
C GLU A 204 28.99 6.26 -14.73
N MSE A 205 29.58 5.23 -14.14
CA MSE A 205 28.85 4.07 -13.67
C MSE A 205 28.88 4.02 -12.18
O MSE A 205 29.90 4.33 -11.57
CB MSE A 205 29.63 2.84 -14.07
CG MSE A 205 29.58 2.50 -15.56
SE MSE A 205 27.75 2.18 -16.18
CE MSE A 205 27.31 0.63 -15.07
N SER A 206 27.79 3.55 -11.57
CA SER A 206 27.68 3.48 -10.13
C SER A 206 27.01 2.18 -9.73
N MSE A 207 27.34 1.67 -8.55
CA MSE A 207 26.63 0.52 -8.05
C MSE A 207 26.40 0.63 -6.58
O MSE A 207 27.12 1.39 -5.87
CB MSE A 207 27.31 -0.81 -8.39
CG MSE A 207 28.39 -1.13 -7.37
SE MSE A 207 29.21 -2.88 -7.71
CE MSE A 207 27.75 -4.13 -7.28
N THR A 208 25.40 -0.08 -6.12
CA THR A 208 25.21 -0.31 -4.69
C THR A 208 25.53 -1.78 -4.35
N LEU A 209 26.20 -1.99 -3.23
CA LEU A 209 26.47 -3.35 -2.76
C LEU A 209 25.24 -4.11 -2.26
N SER A 210 24.13 -3.39 -2.06
CA SER A 210 22.79 -3.94 -1.89
C SER A 210 22.47 -4.61 -0.57
N ASP A 211 23.30 -5.59 -0.18
CA ASP A 211 23.00 -6.40 0.98
C ASP A 211 24.25 -7.21 1.38
N SER A 212 24.49 -7.38 2.68
CA SER A 212 25.73 -8.03 3.11
C SER A 212 25.86 -9.50 2.69
N PHE A 213 24.74 -10.21 2.64
CA PHE A 213 24.71 -11.59 2.09
C PHE A 213 24.92 -11.60 0.58
N CYS A 214 24.36 -10.63 -0.14
CA CYS A 214 24.59 -10.48 -1.57
C CYS A 214 26.09 -10.23 -1.84
N VAL A 215 26.70 -9.36 -1.07
CA VAL A 215 28.15 -9.13 -1.13
C VAL A 215 28.90 -10.45 -0.91
N ASP A 216 28.49 -11.22 0.10
CA ASP A 216 29.15 -12.50 0.35
C ASP A 216 29.05 -13.43 -0.84
N ARG A 217 27.90 -13.44 -1.51
CA ARG A 217 27.73 -14.33 -2.65
C ARG A 217 28.63 -13.94 -3.83
N TYR A 218 28.90 -12.64 -3.96
CA TYR A 218 29.60 -12.12 -5.15
C TYR A 218 30.82 -11.27 -4.86
N ARG A 219 31.49 -11.59 -3.74
CA ARG A 219 32.55 -10.73 -3.22
C ARG A 219 33.64 -10.44 -4.26
N GLY A 220 34.19 -11.51 -4.86
CA GLY A 220 35.25 -11.34 -5.82
C GLY A 220 34.79 -10.57 -7.06
N GLU A 221 33.57 -10.86 -7.51
CA GLU A 221 32.99 -10.20 -8.67
CA GLU A 221 33.03 -10.18 -8.68
C GLU A 221 32.82 -8.68 -8.45
N PHE A 222 32.34 -8.32 -7.25
CA PHE A 222 32.11 -6.91 -6.94
C PHE A 222 33.45 -6.16 -6.85
N LEU A 223 34.44 -6.79 -6.18
CA LEU A 223 35.79 -6.22 -6.12
C LEU A 223 36.35 -5.97 -7.52
N ASP A 224 36.13 -6.93 -8.42
CA ASP A 224 36.63 -6.79 -9.77
C ASP A 224 35.91 -5.68 -10.54
N LEU A 225 34.60 -5.52 -10.31
CA LEU A 225 33.89 -4.38 -10.93
C LEU A 225 34.55 -3.03 -10.59
N MSE A 226 34.94 -2.87 -9.33
CA MSE A 226 35.57 -1.64 -8.87
C MSE A 226 36.97 -1.53 -9.38
O MSE A 226 37.34 -0.48 -9.94
CB MSE A 226 35.54 -1.63 -7.33
CG MSE A 226 34.13 -1.46 -6.84
SE MSE A 226 33.98 -1.95 -4.93
CE MSE A 226 35.00 -0.53 -4.03
N ARG A 227 37.77 -2.58 -9.23
CA ARG A 227 39.20 -2.52 -9.57
C ARG A 227 39.46 -2.43 -11.08
N SER A 228 38.58 -3.02 -11.89
CA SER A 228 38.69 -2.90 -13.34
C SER A 228 38.15 -1.56 -13.87
N GLY A 229 37.55 -0.76 -12.99
CA GLY A 229 37.05 0.55 -13.39
C GLY A 229 35.69 0.52 -14.06
N LYS A 230 35.04 -0.65 -14.05
CA LYS A 230 33.67 -0.76 -14.56
C LYS A 230 32.69 0.06 -13.73
N VAL A 231 32.98 0.19 -12.41
CA VAL A 231 32.21 1.00 -11.47
CA VAL A 231 32.20 1.10 -11.59
C VAL A 231 33.08 2.19 -11.04
N ASP A 232 32.53 3.41 -11.12
CA ASP A 232 33.25 4.62 -10.70
C ASP A 232 32.83 5.05 -9.31
N ILE A 233 31.57 4.82 -8.98
CA ILE A 233 31.01 5.29 -7.72
C ILE A 233 30.29 4.16 -7.00
N VAL A 234 30.71 3.83 -5.77
CA VAL A 234 30.11 2.71 -5.04
CA VAL A 234 30.11 2.71 -5.04
C VAL A 234 29.37 3.17 -3.80
N PHE A 235 28.16 2.65 -3.59
CA PHE A 235 27.37 2.84 -2.37
C PHE A 235 27.43 1.61 -1.51
N ALA A 236 27.62 1.79 -0.23
CA ALA A 236 27.66 0.72 0.75
C ALA A 236 27.10 1.24 2.02
N ASN A 237 26.52 0.37 2.82
CA ASN A 237 26.39 0.64 4.25
C ASN A 237 27.48 -0.07 5.04
N ARG A 238 27.50 0.15 6.36
CA ARG A 238 28.54 -0.43 7.19
C ARG A 238 28.61 -1.95 7.07
N GLN A 239 27.44 -2.59 7.12
CA GLN A 239 27.36 -4.04 7.05
C GLN A 239 27.94 -4.58 5.75
N GLU A 240 27.61 -3.91 4.64
CA GLU A 240 28.11 -4.32 3.33
C GLU A 240 29.61 -4.14 3.18
N ALA A 241 30.12 -3.05 3.74
CA ALA A 241 31.55 -2.74 3.66
C ALA A 241 32.31 -3.77 4.48
N LEU A 242 31.80 -4.08 5.68
CA LEU A 242 32.43 -5.10 6.53
C LEU A 242 32.42 -6.48 5.86
N SER A 243 31.31 -6.80 5.22
CA SER A 243 31.23 -8.06 4.49
C SER A 243 32.21 -8.09 3.32
N LEU A 244 32.28 -6.98 2.58
CA LEU A 244 33.13 -6.91 1.38
C LEU A 244 34.58 -7.25 1.70
N TYR A 245 35.09 -6.76 2.80
CA TYR A 245 36.50 -6.99 3.12
C TYR A 245 36.68 -8.03 4.23
N GLN A 246 35.58 -8.70 4.59
CA GLN A 246 35.56 -9.79 5.56
C GLN A 246 36.27 -9.41 6.84
N THR A 247 35.87 -8.28 7.38
CA THR A 247 36.55 -7.67 8.50
C THR A 247 35.55 -7.16 9.52
N ASP A 248 36.01 -7.09 10.77
CA ASP A 248 35.26 -6.47 11.85
C ASP A 248 35.69 -5.02 12.02
N ASP A 249 36.75 -4.64 11.31
CA ASP A 249 37.41 -3.34 11.45
C ASP A 249 36.86 -2.34 10.42
N PHE A 250 35.95 -1.47 10.84
CA PHE A 250 35.35 -0.49 9.94
C PHE A 250 36.37 0.48 9.32
N GLU A 251 37.40 0.87 10.08
CA GLU A 251 38.45 1.75 9.55
C GLU A 251 39.19 1.08 8.39
N GLU A 252 39.49 -0.21 8.54
CA GLU A 252 40.08 -0.98 7.44
C GLU A 252 39.16 -0.96 6.23
N ALA A 253 37.87 -1.20 6.47
CA ALA A 253 36.88 -1.24 5.39
C ALA A 253 36.84 0.08 4.61
N LEU A 254 36.89 1.20 5.34
CA LEU A 254 36.88 2.51 4.67
C LEU A 254 38.15 2.73 3.86
N ASN A 255 39.32 2.45 4.45
CA ASN A 255 40.60 2.56 3.72
C ASN A 255 40.62 1.71 2.45
N ARG A 256 40.16 0.48 2.57
CA ARG A 256 40.16 -0.44 1.43
C ARG A 256 39.17 -0.02 0.33
N ILE A 257 37.97 0.38 0.72
CA ILE A 257 36.96 0.79 -0.27
C ILE A 257 37.42 2.04 -1.04
N ALA A 258 38.06 2.97 -0.33
CA ALA A 258 38.64 4.17 -0.96
C ALA A 258 39.74 3.84 -1.96
N ALA A 259 40.48 2.76 -1.70
CA ALA A 259 41.52 2.29 -2.62
C ALA A 259 40.96 1.58 -3.85
N ASP A 260 39.77 1.01 -3.70
CA ASP A 260 39.22 0.17 -4.77
C ASP A 260 38.30 0.89 -5.73
N CYS A 261 37.82 2.08 -5.39
CA CYS A 261 36.92 2.81 -6.29
CA CYS A 261 36.85 2.80 -6.22
C CYS A 261 37.16 4.29 -6.24
N LYS A 262 36.81 4.96 -7.33
CA LYS A 262 37.08 6.41 -7.43
C LYS A 262 36.36 7.22 -6.35
N ILE A 263 35.09 6.94 -6.15
CA ILE A 263 34.30 7.58 -5.12
C ILE A 263 33.48 6.50 -4.39
N ALA A 264 33.48 6.52 -3.06
CA ALA A 264 32.68 5.60 -2.24
C ALA A 264 31.78 6.40 -1.32
N ALA A 265 30.52 6.04 -1.22
CA ALA A 265 29.59 6.70 -0.31
C ALA A 265 29.11 5.65 0.65
N VAL A 266 29.51 5.74 1.91
CA VAL A 266 29.26 4.70 2.88
C VAL A 266 28.30 5.21 3.93
N THR A 267 27.17 4.54 4.10
CA THR A 267 26.18 5.00 5.07
C THR A 267 26.32 4.25 6.38
N MSE A 268 25.95 4.91 7.48
CA MSE A 268 26.05 4.32 8.80
C MSE A 268 24.84 4.58 9.67
O MSE A 268 24.97 4.89 10.86
CB MSE A 268 27.30 4.88 9.46
CG MSE A 268 28.57 4.73 8.64
SE MSE A 268 29.96 5.94 9.36
CE MSE A 268 29.04 7.66 9.13
N SER A 269 23.66 4.46 9.06
CA SER A 269 22.37 4.59 9.71
C SER A 269 22.24 5.90 10.49
N GLU A 270 22.01 5.81 11.80
CA GLU A 270 21.82 6.99 12.63
C GLU A 270 23.10 7.82 12.74
N ASN A 271 24.23 7.20 12.42
CA ASN A 271 25.54 7.86 12.46
C ASN A 271 25.91 8.63 11.19
N GLY A 272 25.02 8.58 10.20
CA GLY A 272 25.14 9.45 9.05
C GLY A 272 25.84 8.76 7.90
N ALA A 273 26.69 9.49 7.21
CA ALA A 273 27.42 8.93 6.08
C ALA A 273 28.84 9.49 5.95
N VAL A 274 29.69 8.84 5.18
CA VAL A 274 31.03 9.33 4.88
C VAL A 274 31.28 9.12 3.39
N ILE A 275 31.73 10.15 2.70
CA ILE A 275 32.05 10.11 1.30
C ILE A 275 33.56 10.12 1.16
N LEU A 276 34.11 9.19 0.41
CA LEU A 276 35.54 9.01 0.27
C LEU A 276 35.93 9.21 -1.17
N LYS A 277 37.02 9.92 -1.43
CA LYS A 277 37.55 10.08 -2.78
C LYS A 277 39.04 10.21 -2.65
N GLY A 278 39.77 9.15 -3.01
CA GLY A 278 41.22 9.13 -2.77
C GLY A 278 41.52 9.22 -1.28
N ARG A 279 42.24 10.26 -0.87
CA ARG A 279 42.54 10.47 0.55
C ARG A 279 41.53 11.41 1.22
N GLU A 280 40.62 11.99 0.44
CA GLU A 280 39.59 12.87 0.98
C GLU A 280 38.48 12.08 1.69
N ARG A 281 38.04 12.59 2.83
CA ARG A 281 36.86 12.05 3.52
CA ARG A 281 36.88 12.05 3.56
C ARG A 281 35.92 13.19 3.90
N TYR A 282 34.64 13.00 3.60
CA TYR A 282 33.62 14.00 3.93
C TYR A 282 32.50 13.35 4.74
N TYR A 283 32.54 13.54 6.05
CA TYR A 283 31.49 13.10 6.94
C TYR A 283 30.24 13.99 6.89
N VAL A 284 29.07 13.36 6.96
CA VAL A 284 27.78 14.02 6.91
C VAL A 284 26.90 13.48 8.04
N ASN A 285 26.36 14.36 8.86
CA ASN A 285 25.42 13.95 9.91
C ASN A 285 24.07 13.44 9.36
N ALA A 286 23.49 12.47 10.05
CA ALA A 286 22.11 12.08 9.77
C ALA A 286 21.15 13.13 10.33
N ILE A 287 19.99 13.25 9.70
CA ILE A 287 18.94 14.13 10.20
C ILE A 287 18.32 13.49 11.45
N ARG A 288 17.95 14.30 12.45
CA ARG A 288 17.28 13.76 13.62
C ARG A 288 15.82 13.43 13.32
N ILE A 289 15.37 12.28 13.81
CA ILE A 289 14.09 11.69 13.40
C ILE A 289 13.06 11.78 14.52
N ARG A 290 11.79 11.96 14.15
CA ARG A 290 10.68 11.83 15.10
C ARG A 290 10.69 10.42 15.69
N GLU A 291 10.53 9.44 14.80
CA GLU A 291 10.48 8.02 15.12
C GLU A 291 10.79 7.23 13.84
N VAL A 292 11.55 6.15 13.95
CA VAL A 292 11.82 5.28 12.79
C VAL A 292 10.62 4.36 12.58
N VAL A 293 9.89 4.62 11.49
CA VAL A 293 8.68 3.88 11.15
C VAL A 293 8.99 2.58 10.40
N ASP A 294 9.80 2.70 9.35
CA ASP A 294 10.08 1.57 8.46
C ASP A 294 11.34 1.95 7.71
N THR A 295 12.44 1.25 7.98
CA THR A 295 13.70 1.54 7.28
C THR A 295 13.73 1.16 5.78
N THR A 296 12.70 0.50 5.28
CA THR A 296 12.69 0.12 3.86
C THR A 296 12.92 1.33 2.97
N GLY A 297 13.91 1.23 2.12
CA GLY A 297 14.19 2.25 1.12
C GLY A 297 15.27 3.25 1.50
N ALA A 298 15.75 3.13 2.74
CA ALA A 298 16.67 4.17 3.28
C ALA A 298 17.92 4.31 2.40
N GLY A 299 18.57 3.17 2.11
CA GLY A 299 19.78 3.21 1.32
C GLY A 299 19.46 3.64 -0.11
N ASP A 300 18.27 3.25 -0.60
CA ASP A 300 17.88 3.56 -1.99
C ASP A 300 17.73 5.06 -2.18
N LEU A 301 17.13 5.69 -1.17
CA LEU A 301 16.86 7.11 -1.23
C LEU A 301 18.11 7.95 -0.87
N PHE A 302 19.02 7.40 -0.04
CA PHE A 302 20.37 7.97 0.09
C PHE A 302 21.04 8.09 -1.29
N ALA A 303 20.97 7.00 -2.06
CA ALA A 303 21.51 7.07 -3.39
C ALA A 303 20.78 8.09 -4.31
N SER A 304 19.44 8.22 -4.21
CA SER A 304 18.70 9.25 -4.97
C SER A 304 19.28 10.62 -4.73
N GLY A 305 19.36 10.94 -3.45
CA GLY A 305 19.81 12.28 -3.01
C GLY A 305 21.25 12.55 -3.42
N PHE A 306 22.10 11.54 -3.19
CA PHE A 306 23.50 11.65 -3.61
C PHE A 306 23.67 11.84 -5.11
N LEU A 307 22.99 11.00 -5.89
CA LEU A 307 23.18 11.05 -7.32
C LEU A 307 22.50 12.26 -7.97
N TYR A 308 21.37 12.70 -7.39
CA TYR A 308 20.78 13.99 -7.78
C TYR A 308 21.78 15.15 -7.55
N GLY A 309 22.40 15.16 -6.38
CA GLY A 309 23.38 16.23 -6.09
C GLY A 309 24.56 16.14 -7.04
N TYR A 310 25.00 14.91 -7.30
CA TYR A 310 26.22 14.67 -8.07
C TYR A 310 26.04 15.14 -9.51
N THR A 311 24.85 14.87 -10.07
CA THR A 311 24.56 15.23 -11.44
C THR A 311 24.13 16.69 -11.61
N GLN A 312 23.91 17.37 -10.48
CA GLN A 312 23.68 18.81 -10.45
C GLN A 312 24.99 19.58 -10.19
N GLY A 313 26.11 18.86 -10.12
CA GLY A 313 27.44 19.48 -9.95
C GLY A 313 27.76 19.91 -8.53
N ARG A 314 27.03 19.33 -7.57
CA ARG A 314 27.19 19.72 -6.16
C ARG A 314 28.45 19.14 -5.52
N SER A 315 28.96 19.79 -4.47
CA SER A 315 30.08 19.23 -3.71
C SER A 315 29.73 17.85 -3.16
N LEU A 316 30.75 17.02 -2.94
CA LEU A 316 30.53 15.69 -2.33
C LEU A 316 29.85 15.76 -0.96
N GLU A 317 30.21 16.75 -0.14
CA GLU A 317 29.50 16.91 1.12
C GLU A 317 27.99 17.17 0.90
N ASP A 318 27.70 18.08 -0.03
CA ASP A 318 26.30 18.44 -0.34
C ASP A 318 25.51 17.24 -0.96
N CYS A 319 26.19 16.40 -1.74
CA CYS A 319 25.58 15.16 -2.24
C CYS A 319 25.20 14.26 -1.07
N GLY A 320 26.16 14.09 -0.15
CA GLY A 320 25.89 13.37 1.09
C GLY A 320 24.74 13.97 1.92
N LYS A 321 24.69 15.32 2.00
CA LYS A 321 23.57 15.96 2.68
C LYS A 321 22.21 15.65 2.04
N LEU A 322 22.15 15.72 0.70
CA LEU A 322 20.93 15.44 -0.06
C LEU A 322 20.52 13.96 0.11
N GLY A 323 21.52 13.07 0.12
CA GLY A 323 21.30 11.64 0.45
C GLY A 323 20.67 11.39 1.81
N CYS A 324 21.23 12.06 2.82
CA CYS A 324 20.75 11.79 4.16
C CYS A 324 19.36 12.40 4.39
N LEU A 325 19.10 13.56 3.79
CA LEU A 325 17.78 14.17 3.82
C LEU A 325 16.70 13.22 3.26
N ALA A 326 16.95 12.68 2.07
CA ALA A 326 16.00 11.78 1.45
C ALA A 326 15.82 10.45 2.21
N ALA A 327 16.94 9.88 2.67
CA ALA A 327 16.90 8.71 3.54
C ALA A 327 16.09 8.97 4.81
N GLY A 328 16.33 10.11 5.47
CA GLY A 328 15.64 10.43 6.69
C GLY A 328 14.13 10.52 6.49
N ILE A 329 13.71 11.07 5.34
CA ILE A 329 12.29 11.21 5.03
C ILE A 329 11.65 9.84 4.80
N VAL A 330 12.28 9.01 3.98
CA VAL A 330 11.63 7.74 3.66
C VAL A 330 11.44 6.81 4.88
N ILE A 331 12.35 6.86 5.85
CA ILE A 331 12.24 5.96 7.01
C ILE A 331 11.15 6.40 8.00
N GLN A 332 10.57 7.59 7.79
CA GLN A 332 9.47 8.06 8.63
C GLN A 332 8.08 7.78 8.04
N GLN A 333 8.05 6.96 6.97
CA GLN A 333 6.78 6.51 6.42
C GLN A 333 6.84 5.01 6.19
N ILE A 334 5.68 4.40 6.06
CA ILE A 334 5.55 3.02 5.56
C ILE A 334 5.81 3.00 4.06
N GLY A 335 6.63 2.07 3.63
CA GLY A 335 6.82 1.83 2.20
C GLY A 335 7.99 2.59 1.60
N PRO A 336 8.47 2.14 0.43
CA PRO A 336 9.83 2.46 0.03
C PRO A 336 10.07 3.74 -0.76
N ARG A 337 9.01 4.40 -1.22
CA ARG A 337 9.15 5.57 -2.07
C ARG A 337 8.46 6.74 -1.36
N PRO A 338 9.22 7.85 -1.11
CA PRO A 338 8.57 8.95 -0.39
C PRO A 338 7.31 9.43 -1.08
N MSE A 339 6.26 9.60 -0.29
CA MSE A 339 4.96 10.05 -0.78
C MSE A 339 4.83 11.55 -0.64
O MSE A 339 3.79 12.12 -1.00
CB MSE A 339 3.83 9.37 0.01
CG MSE A 339 3.93 7.84 -0.03
SE MSE A 339 2.77 7.05 1.35
CE MSE A 339 3.24 8.18 2.91
N THR A 340 5.86 12.19 -0.10
CA THR A 340 5.91 13.64 -0.03
C THR A 340 6.98 14.19 -0.98
N SER A 341 6.97 15.51 -1.20
CA SER A 341 7.89 16.12 -2.12
C SER A 341 9.30 16.29 -1.54
N LEU A 342 10.24 15.58 -2.15
CA LEU A 342 11.65 15.68 -1.78
C LEU A 342 12.26 17.01 -2.19
N SER A 343 11.86 17.53 -3.36
CA SER A 343 12.33 18.84 -3.83
C SER A 343 11.92 19.96 -2.86
N GLU A 344 10.69 19.90 -2.36
CA GLU A 344 10.22 20.88 -1.37
CA GLU A 344 10.24 20.89 -1.40
C GLU A 344 11.05 20.75 -0.12
N ALA A 345 11.30 19.51 0.30
CA ALA A 345 12.07 19.28 1.54
C ALA A 345 13.50 19.83 1.38
N ALA A 346 14.12 19.55 0.24
CA ALA A 346 15.46 20.06 -0.06
C ALA A 346 15.49 21.58 -0.15
N LYS A 347 14.46 22.19 -0.73
CA LYS A 347 14.38 23.65 -0.77
C LYS A 347 14.29 24.23 0.63
N GLN A 348 13.45 23.63 1.47
CA GLN A 348 13.31 24.11 2.86
C GLN A 348 14.63 23.92 3.63
N ALA A 349 15.44 22.93 3.25
CA ALA A 349 16.71 22.60 3.92
C ALA A 349 17.89 23.42 3.36
N GLY A 350 17.62 24.28 2.39
CA GLY A 350 18.66 25.09 1.76
C GLY A 350 19.57 24.31 0.82
N LEU A 351 19.15 23.11 0.44
CA LEU A 351 19.96 22.28 -0.45
C LEU A 351 19.42 22.44 -1.86
N ILE A 352 18.20 23.01 -1.93
CA ILE A 352 17.56 23.40 -3.19
C ILE A 352 17.54 22.32 -4.26
N MSE B 23 -23.80 -21.33 19.64
CA MSE B 23 -24.24 -21.76 18.31
C MSE B 23 -24.95 -20.72 17.45
O MSE B 23 -26.04 -20.81 16.83
CB MSE B 23 -24.92 -23.11 18.36
CG MSE B 23 -23.99 -23.97 17.58
SE MSE B 23 -24.11 -23.36 15.76
CE MSE B 23 -24.07 -24.83 14.46
N THR B 24 -24.29 -19.61 17.51
CA THR B 24 -23.80 -18.93 16.43
C THR B 24 -22.34 -19.39 16.24
N ARG B 25 -21.90 -19.39 15.01
CA ARG B 25 -20.51 -19.55 14.69
C ARG B 25 -19.92 -18.22 14.27
N PHE B 26 -20.75 -17.22 14.01
CA PHE B 26 -20.28 -15.90 13.62
C PHE B 26 -21.06 -14.83 14.34
N ASP B 27 -20.38 -13.73 14.65
CA ASP B 27 -21.04 -12.56 15.19
C ASP B 27 -21.64 -11.73 14.06
N VAL B 28 -20.84 -11.49 13.02
CA VAL B 28 -21.21 -10.59 11.95
C VAL B 28 -20.81 -11.21 10.60
N LEU B 29 -21.79 -11.42 9.72
CA LEU B 29 -21.51 -11.72 8.33
C LEU B 29 -21.73 -10.42 7.59
N THR B 30 -20.77 -10.02 6.78
CA THR B 30 -21.00 -8.90 5.88
C THR B 30 -20.99 -9.33 4.41
N VAL B 31 -21.66 -8.56 3.55
CA VAL B 31 -21.79 -8.87 2.13
C VAL B 31 -21.64 -7.55 1.39
N GLY B 32 -20.72 -7.54 0.44
CA GLY B 32 -20.40 -6.37 -0.29
C GLY B 32 -19.66 -6.61 -1.60
N ASN B 33 -19.37 -5.51 -2.27
CA ASN B 33 -18.48 -5.52 -3.42
C ASN B 33 -17.04 -5.67 -3.00
N ALA B 34 -16.41 -6.74 -3.42
CA ALA B 34 -15.03 -7.06 -3.07
C ALA B 34 -14.09 -6.24 -3.97
N ILE B 35 -13.33 -5.31 -3.40
CA ILE B 35 -12.58 -4.33 -4.15
C ILE B 35 -11.19 -4.17 -3.57
N VAL B 36 -10.20 -3.91 -4.42
CA VAL B 36 -8.85 -3.53 -3.99
C VAL B 36 -8.72 -2.05 -4.29
N ASP B 37 -8.26 -1.29 -3.29
CA ASP B 37 -8.11 0.14 -3.43
C ASP B 37 -6.77 0.53 -3.95
N ILE B 38 -6.76 1.57 -4.79
CA ILE B 38 -5.56 2.14 -5.39
C ILE B 38 -5.62 3.60 -4.97
N ILE B 39 -4.68 3.99 -4.08
CA ILE B 39 -4.84 5.22 -3.31
C ILE B 39 -3.72 6.19 -3.63
N SER B 40 -4.11 7.44 -3.85
CA SER B 40 -3.15 8.53 -4.11
C SER B 40 -3.66 9.85 -3.55
N ARG B 41 -2.72 10.75 -3.27
CA ARG B 41 -3.06 12.11 -2.90
CA ARG B 41 -3.05 12.12 -2.90
C ARG B 41 -3.19 12.98 -4.15
N CYS B 42 -4.12 13.93 -4.12
CA CYS B 42 -4.26 14.89 -5.22
C CYS B 42 -4.64 16.27 -4.69
N ASN B 43 -4.50 17.27 -5.55
CA ASN B 43 -4.99 18.62 -5.23
C ASN B 43 -6.46 18.73 -5.62
N ASP B 44 -7.14 19.78 -5.20
CA ASP B 44 -8.58 19.95 -5.47
CA ASP B 44 -8.58 19.85 -5.49
C ASP B 44 -8.89 20.12 -6.96
N GLN B 45 -7.97 20.76 -7.67
CA GLN B 45 -8.15 21.00 -9.11
C GLN B 45 -8.18 19.69 -9.89
N PHE B 46 -7.43 18.70 -9.44
CA PHE B 46 -7.46 17.39 -10.11
C PHE B 46 -8.89 16.86 -10.20
N LEU B 47 -9.65 16.96 -9.10
CA LEU B 47 -11.04 16.45 -9.12
C LEU B 47 -11.91 17.19 -10.13
N ILE B 48 -11.74 18.51 -10.21
CA ILE B 48 -12.53 19.36 -11.10
C ILE B 48 -12.16 19.05 -12.54
N ASP B 49 -10.87 18.99 -12.83
CA ASP B 49 -10.38 18.74 -14.16
C ASP B 49 -10.87 17.40 -14.71
N ASN B 50 -11.05 16.43 -13.82
CA ASN B 50 -11.41 15.08 -14.21
C ASN B 50 -12.88 14.73 -13.96
N GLN B 51 -13.63 15.75 -13.56
CA GLN B 51 -15.08 15.64 -13.34
C GLN B 51 -15.40 14.51 -12.37
N ILE B 52 -14.58 14.42 -11.33
CA ILE B 52 -14.77 13.47 -10.22
C ILE B 52 -15.60 14.15 -9.14
N THR B 53 -16.73 13.53 -8.77
CA THR B 53 -17.55 14.10 -7.71
C THR B 53 -16.82 13.87 -6.38
N LYS B 54 -16.47 14.98 -5.71
CA LYS B 54 -15.73 14.93 -4.44
C LYS B 54 -16.51 14.25 -3.31
N ALA B 55 -15.82 13.44 -2.53
CA ALA B 55 -16.39 12.75 -1.38
C ALA B 55 -17.38 11.62 -1.70
N ALA B 56 -17.53 11.30 -2.99
CA ALA B 56 -18.53 10.31 -3.40
C ALA B 56 -17.89 9.08 -4.00
N MSE B 57 -18.72 8.04 -4.16
CA MSE B 57 -18.38 6.86 -4.94
C MSE B 57 -18.86 7.10 -6.34
O MSE B 57 -20.08 7.25 -6.57
CB MSE B 57 -19.07 5.66 -4.30
CG MSE B 57 -18.40 4.34 -4.69
SE MSE B 57 -18.96 3.78 -6.48
CE MSE B 57 -20.88 3.54 -6.12
N ASN B 58 -17.91 7.15 -7.27
CA ASN B 58 -18.15 7.39 -8.69
C ASN B 58 -17.93 6.08 -9.47
N LEU B 59 -19.01 5.52 -9.99
CA LEU B 59 -18.92 4.31 -10.81
C LEU B 59 -18.29 4.60 -12.17
N ILE B 60 -17.36 3.74 -12.57
CA ILE B 60 -16.68 3.93 -13.86
C ILE B 60 -16.59 2.64 -14.65
N ASP B 61 -16.53 2.79 -15.97
CA ASP B 61 -16.29 1.64 -16.80
C ASP B 61 -14.80 1.38 -17.01
N ALA B 62 -14.48 0.33 -17.73
CA ALA B 62 -13.10 -0.07 -17.88
C ALA B 62 -12.29 0.99 -18.60
N GLU B 63 -12.89 1.62 -19.63
CA GLU B 63 -12.19 2.64 -20.40
C GLU B 63 -11.86 3.84 -19.48
N ARG B 64 -12.84 4.26 -18.69
CA ARG B 64 -12.62 5.40 -17.77
C ARG B 64 -11.58 5.03 -16.70
N ALA B 65 -11.62 3.79 -16.23
CA ALA B 65 -10.61 3.29 -15.29
C ALA B 65 -9.20 3.46 -15.85
N GLU B 66 -9.00 3.04 -17.10
CA GLU B 66 -7.69 3.19 -17.74
C GLU B 66 -7.28 4.65 -17.85
N LEU B 67 -8.23 5.50 -18.23
CA LEU B 67 -7.97 6.93 -18.39
C LEU B 67 -7.57 7.56 -17.08
N LEU B 68 -8.39 7.34 -16.05
CA LEU B 68 -8.06 7.97 -14.75
C LEU B 68 -6.75 7.44 -14.19
N TYR B 69 -6.50 6.14 -14.34
CA TYR B 69 -5.23 5.59 -13.85
C TYR B 69 -4.05 6.25 -14.56
N SER B 70 -4.17 6.50 -15.87
CA SER B 70 -3.07 7.13 -16.60
C SER B 70 -2.72 8.55 -16.08
N ARG B 71 -3.69 9.19 -15.40
CA ARG B 71 -3.48 10.54 -14.87
C ARG B 71 -3.16 10.55 -13.39
N MSE B 72 -3.26 9.39 -12.75
CA MSE B 72 -3.01 9.26 -11.32
C MSE B 72 -1.54 9.16 -11.04
O MSE B 72 -0.77 8.55 -11.78
CB MSE B 72 -3.70 7.98 -10.83
CG MSE B 72 -3.63 7.88 -9.30
SE MSE B 72 -4.58 6.21 -8.90
CE MSE B 72 -5.29 6.63 -7.12
N GLY B 73 -1.11 9.78 -9.95
CA GLY B 73 0.27 9.63 -9.52
C GLY B 73 0.65 8.26 -8.97
N PRO B 74 1.91 8.10 -8.53
CA PRO B 74 2.29 6.86 -7.86
C PRO B 74 1.28 6.56 -6.75
N ALA B 75 0.93 5.30 -6.57
CA ALA B 75 -0.15 4.90 -5.69
C ALA B 75 0.27 3.77 -4.76
N LEU B 76 -0.54 3.54 -3.74
CA LEU B 76 -0.41 2.36 -2.89
C LEU B 76 -1.69 1.52 -3.01
N GLU B 77 -1.56 0.20 -2.83
CA GLU B 77 -2.71 -0.68 -2.91
C GLU B 77 -3.02 -1.33 -1.59
N ALA B 78 -4.30 -1.46 -1.33
CA ALA B 78 -4.78 -2.09 -0.12
C ALA B 78 -6.17 -2.64 -0.33
N SER B 79 -6.42 -3.81 0.26
CA SER B 79 -7.75 -4.38 0.24
C SER B 79 -8.74 -3.41 0.77
N GLY B 80 -9.84 -3.27 0.06
CA GLY B 80 -10.95 -2.40 0.41
C GLY B 80 -12.32 -3.09 0.38
N GLY B 81 -13.31 -2.41 -0.19
CA GLY B 81 -14.68 -2.87 -0.13
C GLY B 81 -15.29 -2.52 1.21
N SER B 82 -16.39 -1.79 1.16
CA SER B 82 -16.96 -1.24 2.37
CA SER B 82 -16.99 -1.24 2.37
C SER B 82 -17.27 -2.32 3.41
N ALA B 83 -18.04 -3.34 3.01
CA ALA B 83 -18.43 -4.44 3.88
C ALA B 83 -17.20 -5.29 4.26
N GLY B 84 -16.23 -5.40 3.35
CA GLY B 84 -15.01 -6.11 3.65
C GLY B 84 -14.26 -5.47 4.80
N ASN B 85 -14.10 -4.16 4.67
CA ASN B 85 -13.50 -3.33 5.75
C ASN B 85 -14.24 -3.52 7.07
N THR B 86 -15.57 -3.53 7.02
CA THR B 86 -16.38 -3.76 8.22
C THR B 86 -16.13 -5.12 8.84
N ALA B 87 -16.12 -6.18 8.03
CA ALA B 87 -15.81 -7.51 8.54
C ALA B 87 -14.42 -7.57 9.15
N ALA B 88 -13.43 -6.99 8.46
CA ALA B 88 -12.08 -6.92 9.00
C ALA B 88 -12.01 -6.22 10.35
N GLY B 89 -12.78 -5.13 10.48
CA GLY B 89 -12.82 -4.35 11.72
C GLY B 89 -13.42 -5.14 12.86
N VAL B 90 -14.50 -5.88 12.61
CA VAL B 90 -15.08 -6.75 13.62
C VAL B 90 -14.08 -7.79 14.13
N ALA B 91 -13.36 -8.43 13.23
CA ALA B 91 -12.35 -9.43 13.60
C ALA B 91 -11.20 -8.80 14.40
N ASN B 92 -10.74 -7.63 13.95
CA ASN B 92 -9.68 -6.86 14.61
C ASN B 92 -10.09 -6.59 16.06
N LEU B 93 -11.35 -6.20 16.27
CA LEU B 93 -11.84 -5.90 17.66
C LEU B 93 -11.95 -7.15 18.53
N GLY B 94 -11.92 -8.33 17.90
CA GLY B 94 -12.00 -9.58 18.63
C GLY B 94 -13.27 -10.38 18.43
N GLY B 95 -14.15 -9.90 17.54
CA GLY B 95 -15.38 -10.60 17.19
C GLY B 95 -15.12 -11.63 16.10
N LYS B 96 -16.11 -12.45 15.88
CA LYS B 96 -16.01 -13.43 14.75
CA LYS B 96 -16.06 -13.43 14.75
C LYS B 96 -16.89 -12.99 13.48
N ALA B 97 -16.13 -12.87 12.39
CA ALA B 97 -16.73 -12.32 11.19
C ALA B 97 -16.63 -13.28 10.00
N ALA B 98 -17.59 -13.11 9.10
CA ALA B 98 -17.53 -13.79 7.80
C ALA B 98 -17.84 -12.77 6.71
N TYR B 99 -17.49 -13.10 5.46
CA TYR B 99 -17.70 -12.16 4.35
C TYR B 99 -18.09 -12.90 3.06
N PHE B 100 -19.10 -12.35 2.37
CA PHE B 100 -19.43 -12.81 1.00
C PHE B 100 -19.08 -11.66 0.05
N GLY B 101 -18.32 -11.97 -1.00
CA GLY B 101 -18.00 -11.01 -2.05
C GLY B 101 -17.20 -11.70 -3.14
N ASN B 102 -17.36 -11.27 -4.39
CA ASN B 102 -16.78 -12.00 -5.50
C ASN B 102 -15.62 -11.29 -6.14
N VAL B 103 -14.49 -11.98 -6.12
CA VAL B 103 -13.29 -11.55 -6.84
C VAL B 103 -13.06 -12.42 -8.07
N ALA B 104 -12.10 -11.97 -8.86
CA ALA B 104 -11.60 -12.79 -9.98
C ALA B 104 -10.42 -13.68 -9.60
N ALA B 105 -10.13 -14.70 -10.40
CA ALA B 105 -8.95 -15.54 -10.21
C ALA B 105 -7.77 -14.81 -10.82
N ASP B 106 -7.35 -13.73 -10.16
CA ASP B 106 -6.23 -12.94 -10.64
C ASP B 106 -5.43 -12.42 -9.45
N GLN B 107 -4.33 -11.73 -9.71
CA GLN B 107 -3.45 -11.22 -8.64
C GLN B 107 -4.17 -10.32 -7.67
N LEU B 108 -5.01 -9.43 -8.18
CA LEU B 108 -5.79 -8.58 -7.28
C LEU B 108 -6.74 -9.36 -6.37
N GLY B 109 -7.42 -10.35 -6.93
CA GLY B 109 -8.28 -11.22 -6.18
C GLY B 109 -7.53 -12.01 -5.12
N ASP B 110 -6.30 -12.43 -5.45
CA ASP B 110 -5.47 -13.19 -4.53
C ASP B 110 -5.08 -12.30 -3.33
N ILE B 111 -4.79 -11.04 -3.64
CA ILE B 111 -4.51 -10.05 -2.56
C ILE B 111 -5.73 -9.87 -1.66
N PHE B 112 -6.89 -9.60 -2.28
CA PHE B 112 -8.11 -9.47 -1.54
C PHE B 112 -8.35 -10.68 -0.63
N THR B 113 -8.27 -11.88 -1.22
CA THR B 113 -8.51 -13.12 -0.49
C THR B 113 -7.55 -13.29 0.69
N HIS B 114 -6.28 -13.03 0.45
CA HIS B 114 -5.28 -13.11 1.49
C HIS B 114 -5.61 -12.18 2.65
N ASP B 115 -5.86 -10.91 2.34
CA ASP B 115 -5.93 -9.88 3.41
C ASP B 115 -7.09 -10.14 4.34
N ILE B 116 -8.24 -10.50 3.80
CA ILE B 116 -9.40 -10.71 4.64
CA ILE B 116 -9.42 -10.72 4.62
C ILE B 116 -9.29 -12.01 5.46
N ARG B 117 -8.81 -13.09 4.82
CA ARG B 117 -8.59 -14.37 5.52
C ARG B 117 -7.48 -14.24 6.58
N ALA B 118 -6.47 -13.43 6.30
CA ALA B 118 -5.37 -13.21 7.23
C ALA B 118 -5.86 -12.53 8.50
N GLN B 119 -6.94 -11.77 8.39
CA GLN B 119 -7.54 -11.11 9.55
C GLN B 119 -8.41 -12.06 10.39
N GLY B 120 -8.60 -13.28 9.91
CA GLY B 120 -9.42 -14.29 10.58
C GLY B 120 -10.89 -14.25 10.23
N VAL B 121 -11.22 -13.54 9.16
CA VAL B 121 -12.57 -13.49 8.59
C VAL B 121 -12.79 -14.71 7.70
N HIS B 122 -13.87 -15.45 7.98
CA HIS B 122 -14.28 -16.55 7.07
C HIS B 122 -14.60 -15.96 5.70
N TYR B 123 -13.89 -16.43 4.67
CA TYR B 123 -14.12 -15.96 3.33
C TYR B 123 -13.91 -17.07 2.32
N GLN B 124 -15.02 -17.53 1.77
CA GLN B 124 -15.01 -18.72 0.92
CA GLN B 124 -15.00 -18.71 0.90
C GLN B 124 -15.70 -18.53 -0.44
N THR B 125 -16.06 -17.30 -0.80
CA THR B 125 -16.69 -17.04 -2.11
C THR B 125 -15.70 -17.41 -3.23
N LYS B 126 -16.14 -18.30 -4.14
CA LYS B 126 -15.30 -18.84 -5.22
C LYS B 126 -15.28 -17.96 -6.45
N PRO B 127 -14.08 -17.57 -6.91
CA PRO B 127 -14.03 -16.83 -8.17
C PRO B 127 -14.60 -17.69 -9.30
N LYS B 128 -15.23 -17.03 -10.26
CA LYS B 128 -15.86 -17.74 -11.40
C LYS B 128 -14.98 -17.80 -12.65
N GLY B 129 -13.85 -17.12 -12.61
CA GLY B 129 -12.88 -17.06 -13.71
C GLY B 129 -11.98 -15.85 -13.56
N ALA B 130 -11.13 -15.58 -14.54
CA ALA B 130 -10.26 -14.42 -14.56
C ALA B 130 -10.86 -13.11 -15.07
N PHE B 131 -11.96 -13.22 -15.82
CA PHE B 131 -12.63 -12.07 -16.44
CA PHE B 131 -12.62 -12.09 -16.44
C PHE B 131 -14.13 -12.10 -16.18
N PRO B 132 -14.72 -10.93 -15.83
CA PRO B 132 -14.14 -9.60 -15.54
C PRO B 132 -13.15 -9.69 -14.38
N PRO B 133 -12.14 -8.81 -14.40
CA PRO B 133 -11.09 -8.88 -13.38
C PRO B 133 -11.61 -8.32 -12.08
N THR B 134 -10.84 -8.53 -11.03
CA THR B 134 -11.22 -8.10 -9.68
C THR B 134 -11.47 -6.59 -9.66
N ALA B 135 -12.51 -6.19 -8.93
CA ALA B 135 -12.88 -4.77 -8.85
C ALA B 135 -11.76 -3.97 -8.22
N ARG B 136 -11.62 -2.74 -8.67
CA ARG B 136 -10.69 -1.84 -8.02
C ARG B 136 -11.28 -0.44 -7.97
N SER B 137 -10.84 0.32 -6.96
CA SER B 137 -11.33 1.66 -6.82
C SER B 137 -10.14 2.57 -6.70
N MSE B 138 -10.10 3.59 -7.53
CA MSE B 138 -9.05 4.54 -7.52
C MSE B 138 -9.54 5.63 -6.58
O MSE B 138 -10.51 6.23 -6.85
CB MSE B 138 -8.70 5.14 -8.83
CG MSE B 138 -7.80 4.13 -9.46
SE MSE B 138 -7.62 4.69 -11.27
CE MSE B 138 -9.24 3.91 -12.08
N ILE B 139 -8.87 5.74 -5.46
CA ILE B 139 -9.32 6.64 -4.41
C ILE B 139 -8.35 7.80 -4.29
N PHE B 140 -8.88 9.01 -4.51
CA PHE B 140 -8.07 10.22 -4.47
C PHE B 140 -8.34 10.95 -3.16
N VAL B 141 -7.27 11.14 -2.40
CA VAL B 141 -7.37 11.82 -1.11
C VAL B 141 -6.86 13.27 -1.24
N THR B 142 -7.74 14.23 -0.94
CA THR B 142 -7.38 15.65 -0.99
C THR B 142 -6.74 16.12 0.33
N GLU B 143 -6.25 17.35 0.37
CA GLU B 143 -5.50 17.90 1.53
C GLU B 143 -6.31 17.93 2.82
N ASP B 144 -7.63 18.06 2.68
CA ASP B 144 -8.57 18.01 3.78
C ASP B 144 -8.85 16.61 4.33
N GLY B 145 -8.28 15.58 3.69
CA GLY B 145 -8.48 14.21 4.12
C GLY B 145 -9.69 13.54 3.49
N GLU B 146 -10.46 14.28 2.70
CA GLU B 146 -11.63 13.73 1.99
C GLU B 146 -11.17 12.75 0.94
N ARG B 147 -11.98 11.72 0.77
CA ARG B 147 -11.72 10.69 -0.24
CA ARG B 147 -11.72 10.69 -0.23
C ARG B 147 -12.80 10.66 -1.33
N SER B 148 -12.33 10.58 -2.58
CA SER B 148 -13.21 10.51 -3.73
C SER B 148 -12.86 9.26 -4.49
N MSE B 149 -13.83 8.35 -4.60
CA MSE B 149 -13.58 7.00 -5.11
C MSE B 149 -14.13 6.85 -6.49
O MSE B 149 -15.19 7.36 -6.82
CB MSE B 149 -14.23 5.94 -4.23
CG MSE B 149 -13.91 6.30 -2.78
SE MSE B 149 -14.34 4.82 -1.61
CE MSE B 149 -16.29 4.92 -1.74
N ASN B 150 -13.39 6.08 -7.27
CA ASN B 150 -13.71 5.85 -8.68
C ASN B 150 -13.59 4.35 -8.95
N THR B 151 -14.75 3.70 -9.00
CA THR B 151 -14.83 2.26 -8.84
C THR B 151 -15.27 1.55 -10.13
N TYR B 152 -14.39 0.65 -10.59
CA TYR B 152 -14.73 -0.29 -11.70
C TYR B 152 -15.12 -1.58 -11.01
N LEU B 153 -16.39 -1.98 -11.15
CA LEU B 153 -16.93 -3.15 -10.44
C LEU B 153 -16.36 -4.50 -10.84
N GLY B 154 -15.93 -4.63 -12.10
CA GLY B 154 -15.32 -5.90 -12.57
C GLY B 154 -16.12 -7.12 -12.12
N ALA B 155 -15.43 -8.07 -11.46
CA ALA B 155 -16.02 -9.32 -11.01
C ALA B 155 -17.20 -9.20 -10.07
N CYS B 156 -17.33 -8.04 -9.43
CA CYS B 156 -18.46 -7.86 -8.51
C CYS B 156 -19.82 -8.01 -9.19
N VAL B 157 -19.88 -7.79 -10.51
CA VAL B 157 -21.15 -7.92 -11.21
C VAL B 157 -21.65 -9.37 -11.21
N GLU B 158 -20.77 -10.30 -10.85
CA GLU B 158 -21.11 -11.73 -10.86
C GLU B 158 -21.67 -12.28 -9.54
N LEU B 159 -21.56 -11.51 -8.45
CA LEU B 159 -22.14 -11.92 -7.18
C LEU B 159 -23.64 -12.18 -7.31
N GLY B 160 -24.10 -13.34 -6.83
CA GLY B 160 -25.52 -13.66 -6.86
C GLY B 160 -25.92 -14.72 -5.86
N PRO B 161 -27.16 -15.24 -6.00
CA PRO B 161 -27.69 -16.21 -5.03
C PRO B 161 -26.79 -17.44 -4.82
N GLU B 162 -26.07 -17.84 -5.86
CA GLU B 162 -25.17 -18.99 -5.80
C GLU B 162 -24.03 -18.81 -4.80
N ASP B 163 -23.79 -17.56 -4.41
CA ASP B 163 -22.71 -17.21 -3.48
C ASP B 163 -23.16 -17.13 -2.03
N VAL B 164 -24.44 -17.43 -1.78
CA VAL B 164 -24.95 -17.40 -0.40
C VAL B 164 -24.64 -18.74 0.26
N GLU B 165 -23.78 -18.71 1.28
CA GLU B 165 -23.50 -19.88 2.10
C GLU B 165 -24.55 -19.90 3.18
N ALA B 166 -25.62 -20.65 2.96
CA ALA B 166 -26.79 -20.61 3.83
C ALA B 166 -26.47 -20.90 5.30
N ASP B 167 -25.53 -21.84 5.53
CA ASP B 167 -25.12 -22.24 6.88
C ASP B 167 -24.47 -21.07 7.60
N VAL B 168 -23.76 -20.23 6.86
CA VAL B 168 -23.09 -19.07 7.43
C VAL B 168 -24.15 -18.04 7.84
N VAL B 169 -25.10 -17.77 6.95
CA VAL B 169 -26.17 -16.83 7.26
C VAL B 169 -26.95 -17.32 8.49
N ALA B 170 -27.34 -18.60 8.48
CA ALA B 170 -28.13 -19.18 9.55
C ALA B 170 -27.42 -19.11 10.91
N ASP B 171 -26.09 -19.13 10.87
CA ASP B 171 -25.27 -19.22 12.10
C ASP B 171 -24.60 -17.88 12.45
N ALA B 172 -25.03 -16.80 11.81
CA ALA B 172 -24.49 -15.47 12.13
C ALA B 172 -25.49 -14.61 12.89
N LYS B 173 -25.06 -13.98 13.99
CA LYS B 173 -25.96 -13.13 14.78
C LYS B 173 -26.53 -11.97 13.97
N VAL B 174 -25.67 -11.34 13.18
CA VAL B 174 -26.08 -10.25 12.29
C VAL B 174 -25.52 -10.47 10.87
N THR B 175 -26.35 -10.24 9.86
CA THR B 175 -25.88 -10.18 8.50
C THR B 175 -26.07 -8.73 8.05
N TYR B 176 -24.96 -8.12 7.66
CA TYR B 176 -24.89 -6.71 7.27
C TYR B 176 -24.49 -6.61 5.79
N PHE B 177 -25.15 -5.72 5.05
CA PHE B 177 -24.81 -5.57 3.64
C PHE B 177 -24.74 -4.13 3.19
N GLU B 178 -24.09 -3.90 2.04
CA GLU B 178 -23.99 -2.57 1.45
C GLU B 178 -25.17 -2.17 0.57
N GLY B 179 -25.66 -0.96 0.70
CA GLY B 179 -26.54 -0.37 -0.30
C GLY B 179 -25.85 -0.34 -1.68
N TYR B 180 -24.53 -0.27 -1.69
CA TYR B 180 -23.71 -0.35 -2.92
C TYR B 180 -24.03 -1.62 -3.74
N LEU B 181 -24.56 -2.65 -3.09
CA LEU B 181 -24.89 -3.90 -3.80
C LEU B 181 -26.04 -3.76 -4.78
N TRP B 182 -26.75 -2.63 -4.75
CA TRP B 182 -27.87 -2.43 -5.67
C TRP B 182 -27.38 -2.03 -7.08
N ASP B 183 -26.10 -1.69 -7.21
CA ASP B 183 -25.54 -1.33 -8.52
C ASP B 183 -25.32 -2.56 -9.39
N PRO B 184 -24.60 -3.59 -8.90
CA PRO B 184 -24.48 -4.79 -9.74
C PRO B 184 -25.84 -5.47 -9.93
N PRO B 185 -25.98 -6.32 -10.96
CA PRO B 185 -27.35 -6.70 -11.31
C PRO B 185 -28.03 -7.71 -10.37
N ARG B 186 -27.26 -8.65 -9.84
CA ARG B 186 -27.87 -9.83 -9.22
C ARG B 186 -27.62 -9.95 -7.73
N ALA B 187 -26.80 -9.03 -7.19
CA ALA B 187 -26.46 -9.08 -5.76
C ALA B 187 -27.68 -8.93 -4.84
N LYS B 188 -28.67 -8.14 -5.27
CA LYS B 188 -29.90 -7.99 -4.50
C LYS B 188 -30.63 -9.31 -4.28
N GLU B 189 -30.58 -10.22 -5.27
CA GLU B 189 -31.18 -11.53 -5.08
C GLU B 189 -30.49 -12.31 -3.96
N ALA B 190 -29.16 -12.26 -3.90
CA ALA B 190 -28.43 -12.88 -2.79
C ALA B 190 -28.87 -12.27 -1.45
N ILE B 191 -29.01 -10.95 -1.41
CA ILE B 191 -29.41 -10.29 -0.17
C ILE B 191 -30.81 -10.68 0.28
N LEU B 192 -31.78 -10.70 -0.62
CA LEU B 192 -33.12 -11.17 -0.27
C LEU B 192 -33.10 -12.60 0.28
N ASP B 193 -32.26 -13.46 -0.31
CA ASP B 193 -32.08 -14.82 0.21
C ASP B 193 -31.49 -14.81 1.63
N CYS B 194 -30.48 -13.96 1.85
CA CYS B 194 -29.88 -13.77 3.16
C CYS B 194 -30.91 -13.33 4.19
N ALA B 195 -31.75 -12.36 3.82
CA ALA B 195 -32.76 -11.84 4.74
C ALA B 195 -33.73 -12.92 5.17
N ARG B 196 -34.15 -13.75 4.21
CA ARG B 196 -35.04 -14.84 4.51
C ARG B 196 -34.40 -15.82 5.49
N ILE B 197 -33.17 -16.26 5.19
CA ILE B 197 -32.47 -17.25 6.01
C ILE B 197 -32.21 -16.70 7.42
N ALA B 198 -31.72 -15.47 7.50
CA ALA B 198 -31.40 -14.81 8.78
C ALA B 198 -32.64 -14.71 9.66
N HIS B 199 -33.72 -14.20 9.10
CA HIS B 199 -34.94 -14.03 9.88
C HIS B 199 -35.63 -15.36 10.25
N GLN B 200 -35.50 -16.37 9.39
CA GLN B 200 -36.00 -17.71 9.72
C GLN B 200 -35.24 -18.34 10.89
N HIS B 201 -34.01 -17.88 11.13
CA HIS B 201 -33.16 -18.38 12.21
C HIS B 201 -33.06 -17.41 13.38
N GLY B 202 -33.93 -16.40 13.38
CA GLY B 202 -34.02 -15.45 14.49
C GLY B 202 -32.83 -14.51 14.57
N ARG B 203 -32.12 -14.33 13.47
CA ARG B 203 -30.99 -13.41 13.41
C ARG B 203 -31.48 -12.05 12.99
N GLU B 204 -30.56 -11.07 12.96
CA GLU B 204 -30.90 -9.73 12.53
C GLU B 204 -30.19 -9.36 11.25
N MSE B 205 -30.84 -8.53 10.46
CA MSE B 205 -30.29 -7.98 9.21
C MSE B 205 -29.96 -6.52 9.39
O MSE B 205 -30.69 -5.78 10.07
CB MSE B 205 -31.35 -8.04 8.13
CG MSE B 205 -31.70 -9.43 7.63
SE MSE B 205 -30.14 -10.30 6.80
CE MSE B 205 -29.87 -9.08 5.28
N SER B 206 -28.87 -6.10 8.76
CA SER B 206 -28.42 -4.74 8.84
C SER B 206 -27.95 -4.25 7.48
N MSE B 207 -28.11 -2.96 7.23
CA MSE B 207 -27.54 -2.38 6.03
C MSE B 207 -26.95 -1.04 6.26
O MSE B 207 -27.30 -0.34 7.22
CB MSE B 207 -28.54 -2.32 4.88
CG MSE B 207 -29.32 -1.01 4.93
SE MSE B 207 -30.58 -0.94 3.44
CE MSE B 207 -29.28 -0.71 1.99
N THR B 208 -26.03 -0.67 5.39
CA THR B 208 -25.57 0.71 5.33
C THR B 208 -26.09 1.39 4.07
N LEU B 209 -26.49 2.65 4.17
CA LEU B 209 -26.94 3.42 3.00
C LEU B 209 -25.83 3.74 1.98
N SER B 210 -24.58 3.55 2.41
CA SER B 210 -23.37 3.56 1.62
C SER B 210 -22.87 4.90 1.10
N ASP B 211 -23.74 5.63 0.40
CA ASP B 211 -23.34 6.82 -0.34
C ASP B 211 -24.60 7.58 -0.76
N SER B 212 -24.55 8.91 -0.67
CA SER B 212 -25.76 9.69 -0.91
C SER B 212 -26.30 9.59 -2.35
N PHE B 213 -25.39 9.45 -3.31
CA PHE B 213 -25.78 9.20 -4.71
C PHE B 213 -26.35 7.80 -4.89
N CYS B 214 -25.76 6.81 -4.21
CA CYS B 214 -26.32 5.45 -4.18
C CYS B 214 -27.77 5.45 -3.62
N VAL B 215 -27.98 6.19 -2.53
CA VAL B 215 -29.31 6.37 -1.96
C VAL B 215 -30.25 6.99 -2.97
N ASP B 216 -29.77 8.01 -3.70
CA ASP B 216 -30.57 8.62 -4.76
C ASP B 216 -30.98 7.62 -5.86
N ARG B 217 -30.05 6.74 -6.25
CA ARG B 217 -30.40 5.77 -7.29
C ARG B 217 -31.44 4.75 -6.84
N TYR B 218 -31.45 4.42 -5.55
CA TYR B 218 -32.27 3.31 -5.02
C TYR B 218 -33.15 3.71 -3.83
N ARG B 219 -33.54 4.98 -3.79
CA ARG B 219 -34.28 5.53 -2.66
C ARG B 219 -35.50 4.69 -2.28
N GLY B 220 -36.37 4.38 -3.25
CA GLY B 220 -37.59 3.64 -2.95
C GLY B 220 -37.30 2.21 -2.52
N GLU B 221 -36.28 1.59 -3.14
CA GLU B 221 -35.88 0.25 -2.81
C GLU B 221 -35.38 0.15 -1.38
N PHE B 222 -34.55 1.13 -0.99
CA PHE B 222 -34.01 1.15 0.37
C PHE B 222 -35.10 1.36 1.41
N LEU B 223 -36.00 2.30 1.17
CA LEU B 223 -37.14 2.52 2.07
C LEU B 223 -37.95 1.23 2.23
N ASP B 224 -38.18 0.53 1.10
CA ASP B 224 -38.92 -0.72 1.16
C ASP B 224 -38.20 -1.83 1.94
N LEU B 225 -36.88 -1.86 1.84
CA LEU B 225 -36.10 -2.81 2.64
C LEU B 225 -36.35 -2.61 4.15
N MSE B 226 -36.41 -1.36 4.57
CA MSE B 226 -36.63 -1.02 5.98
C MSE B 226 -38.06 -1.27 6.38
O MSE B 226 -38.33 -2.00 7.34
CB MSE B 226 -36.26 0.43 6.20
CG MSE B 226 -34.75 0.60 6.28
SE MSE B 226 -34.26 2.45 5.80
CE MSE B 226 -34.69 3.37 7.48
N ARG B 227 -39.00 -0.69 5.65
CA ARG B 227 -40.44 -0.81 5.94
C ARG B 227 -41.00 -2.24 5.89
N SER B 228 -40.47 -3.07 5.00
CA SER B 228 -40.88 -4.47 4.94
C SER B 228 -40.25 -5.32 6.04
N GLY B 229 -39.29 -4.73 6.78
CA GLY B 229 -38.63 -5.43 7.87
C GLY B 229 -37.50 -6.35 7.43
N LYS B 230 -37.13 -6.30 6.15
CA LYS B 230 -35.98 -7.05 5.66
C LYS B 230 -34.68 -6.53 6.28
N VAL B 231 -34.68 -5.26 6.70
CA VAL B 231 -33.54 -4.66 7.39
C VAL B 231 -33.99 -4.20 8.77
N ASP B 232 -33.26 -4.65 9.81
CA ASP B 232 -33.56 -4.32 11.20
C ASP B 232 -32.74 -3.14 11.72
N ILE B 233 -31.48 -3.04 11.29
CA ILE B 233 -30.54 -2.02 11.78
C ILE B 233 -29.93 -1.29 10.60
N VAL B 234 -30.15 0.01 10.51
CA VAL B 234 -29.66 0.81 9.39
C VAL B 234 -28.55 1.76 9.80
N PHE B 235 -27.48 1.83 9.02
CA PHE B 235 -26.38 2.77 9.23
C PHE B 235 -26.47 3.85 8.18
N ALA B 236 -26.33 5.10 8.57
CA ALA B 236 -26.32 6.24 7.66
C ALA B 236 -25.38 7.28 8.21
N ASN B 237 -24.85 8.11 7.32
CA ASN B 237 -24.28 9.39 7.75
C ASN B 237 -25.30 10.49 7.45
N ARG B 238 -24.96 11.71 7.85
CA ARG B 238 -25.84 12.84 7.66
C ARG B 238 -26.29 13.01 6.21
N GLN B 239 -25.32 12.94 5.29
CA GLN B 239 -25.58 13.18 3.87
C GLN B 239 -26.54 12.13 3.33
N GLU B 240 -26.30 10.87 3.71
CA GLU B 240 -27.18 9.75 3.26
C GLU B 240 -28.59 9.91 3.79
N ALA B 241 -28.72 10.32 5.06
CA ALA B 241 -30.02 10.46 5.69
C ALA B 241 -30.82 11.58 5.03
N LEU B 242 -30.13 12.68 4.71
CA LEU B 242 -30.77 13.81 4.01
C LEU B 242 -31.17 13.44 2.58
N SER B 243 -30.34 12.63 1.92
CA SER B 243 -30.64 12.15 0.59
C SER B 243 -31.84 11.20 0.64
N LEU B 244 -31.89 10.34 1.66
CA LEU B 244 -32.97 9.33 1.75
C LEU B 244 -34.36 9.98 1.80
N TYR B 245 -34.48 11.04 2.59
CA TYR B 245 -35.76 11.73 2.75
C TYR B 245 -35.85 13.03 1.93
N GLN B 246 -34.83 13.33 1.12
CA GLN B 246 -34.83 14.48 0.18
C GLN B 246 -35.19 15.76 0.88
N THR B 247 -34.47 16.00 1.97
CA THR B 247 -34.74 17.09 2.87
C THR B 247 -33.44 17.78 3.25
N ASP B 248 -33.53 19.07 3.56
CA ASP B 248 -32.42 19.81 4.13
C ASP B 248 -32.56 19.85 5.67
N ASP B 249 -33.61 19.20 6.18
CA ASP B 249 -33.95 19.20 7.61
C ASP B 249 -33.47 17.93 8.29
N PHE B 250 -32.36 18.02 9.03
CA PHE B 250 -31.77 16.82 9.63
C PHE B 250 -32.65 16.22 10.74
N GLU B 251 -33.40 17.07 11.43
CA GLU B 251 -34.33 16.58 12.44
C GLU B 251 -35.47 15.75 11.84
N GLU B 252 -36.00 16.22 10.70
CA GLU B 252 -36.96 15.43 9.93
C GLU B 252 -36.36 14.07 9.56
N ALA B 253 -35.12 14.08 9.07
CA ALA B 253 -34.46 12.84 8.66
C ALA B 253 -34.31 11.85 9.83
N LEU B 254 -33.94 12.34 11.01
CA LEU B 254 -33.80 11.47 12.18
C LEU B 254 -35.15 10.92 12.59
N ASN B 255 -36.16 11.79 12.65
CA ASN B 255 -37.52 11.36 12.98
C ASN B 255 -38.05 10.30 11.99
N ARG B 256 -37.82 10.49 10.70
CA ARG B 256 -38.33 9.57 9.70
C ARG B 256 -37.55 8.25 9.74
N ILE B 257 -36.23 8.32 9.91
CA ILE B 257 -35.44 7.09 9.86
C ILE B 257 -35.76 6.20 11.08
N ALA B 258 -36.06 6.83 12.22
CA ALA B 258 -36.49 6.09 13.42
C ALA B 258 -37.86 5.42 13.23
N ALA B 259 -38.73 6.07 12.45
CA ALA B 259 -40.02 5.46 12.04
C ALA B 259 -39.92 4.30 11.04
N ASP B 260 -38.85 4.30 10.24
CA ASP B 260 -38.76 3.34 9.14
C ASP B 260 -37.98 2.08 9.46
N CYS B 261 -37.20 2.12 10.54
CA CYS B 261 -36.43 0.94 10.91
CA CYS B 261 -36.33 1.01 10.91
C CYS B 261 -36.30 0.78 12.43
N LYS B 262 -36.04 -0.46 12.85
CA LYS B 262 -36.02 -0.78 14.28
C LYS B 262 -34.93 -0.03 15.03
N ILE B 263 -33.73 0.01 14.47
CA ILE B 263 -32.60 0.75 15.03
C ILE B 263 -31.87 1.41 13.89
N ALA B 264 -31.53 2.69 14.09
CA ALA B 264 -30.74 3.47 13.15
C ALA B 264 -29.51 4.03 13.84
N ALA B 265 -28.35 3.94 13.20
CA ALA B 265 -27.15 4.55 13.72
C ALA B 265 -26.69 5.57 12.71
N VAL B 266 -26.77 6.83 13.06
CA VAL B 266 -26.50 7.91 12.13
C VAL B 266 -25.25 8.64 12.55
N THR B 267 -24.26 8.73 11.67
CA THR B 267 -22.98 9.34 12.00
C THR B 267 -22.94 10.76 11.45
N MSE B 268 -22.21 11.63 12.16
CA MSE B 268 -22.14 13.04 11.81
C MSE B 268 -20.73 13.54 11.88
O MSE B 268 -20.47 14.65 12.36
CB MSE B 268 -23.08 13.84 12.72
CG MSE B 268 -24.46 13.19 12.87
SE MSE B 268 -25.38 14.02 14.39
CE MSE B 268 -24.34 13.32 15.90
N SER B 269 -19.79 12.72 11.39
CA SER B 269 -18.37 13.09 11.28
C SER B 269 -17.80 13.57 12.61
N GLU B 270 -17.25 14.78 12.65
CA GLU B 270 -16.66 15.34 13.88
C GLU B 270 -17.70 15.58 14.98
N ASN B 271 -18.98 15.53 14.62
CA ASN B 271 -20.07 15.69 15.56
C ASN B 271 -20.52 14.38 16.22
N GLY B 272 -19.83 13.29 15.88
CA GLY B 272 -20.08 12.01 16.53
C GLY B 272 -21.20 11.25 15.85
N ALA B 273 -22.11 10.71 16.66
CA ALA B 273 -23.18 9.86 16.15
C ALA B 273 -24.42 9.93 17.02
N VAL B 274 -25.56 9.53 16.47
CA VAL B 274 -26.77 9.35 17.24
C VAL B 274 -27.38 7.99 16.96
N ILE B 275 -27.69 7.24 18.00
CA ILE B 275 -28.37 5.96 17.85
C ILE B 275 -29.83 6.12 18.20
N LEU B 276 -30.72 5.67 17.33
CA LEU B 276 -32.16 5.80 17.48
C LEU B 276 -32.83 4.44 17.56
N LYS B 277 -33.77 4.31 18.49
CA LYS B 277 -34.58 3.12 18.64
C LYS B 277 -35.94 3.52 19.18
N GLY B 278 -36.96 3.47 18.32
CA GLY B 278 -38.27 4.01 18.67
C GLY B 278 -38.15 5.48 19.01
N ARG B 279 -38.50 5.84 20.23
CA ARG B 279 -38.43 7.23 20.68
C ARG B 279 -37.10 7.54 21.37
N GLU B 280 -36.31 6.49 21.61
CA GLU B 280 -35.00 6.64 22.27
C GLU B 280 -33.93 7.21 21.33
N ARG B 281 -33.12 8.12 21.84
CA ARG B 281 -31.94 8.63 21.16
C ARG B 281 -30.74 8.61 22.08
N TYR B 282 -29.62 8.13 21.56
CA TYR B 282 -28.37 8.09 22.31
C TYR B 282 -27.26 8.78 21.53
N TYR B 283 -26.85 9.94 22.02
CA TYR B 283 -25.83 10.71 21.35
C TYR B 283 -24.45 10.35 21.88
N VAL B 284 -23.53 10.14 20.95
CA VAL B 284 -22.13 9.82 21.26
CA VAL B 284 -22.13 9.86 21.29
C VAL B 284 -21.18 10.84 20.61
N ASN B 285 -20.15 11.25 21.34
CA ASN B 285 -19.16 12.17 20.81
C ASN B 285 -18.12 11.46 19.94
N ALA B 286 -17.57 12.22 19.00
CA ALA B 286 -16.41 11.77 18.23
C ALA B 286 -15.21 11.80 19.18
N ILE B 287 -14.30 10.86 19.00
CA ILE B 287 -13.04 10.82 19.74
C ILE B 287 -12.16 11.99 19.29
N ARG B 288 -11.29 12.49 20.16
CA ARG B 288 -10.37 13.50 19.70
C ARG B 288 -9.25 12.87 18.86
N ILE B 289 -8.79 13.60 17.85
CA ILE B 289 -7.88 13.04 16.86
C ILE B 289 -6.66 13.92 16.64
N ARG B 290 -5.57 13.31 16.18
CA ARG B 290 -4.35 14.03 15.83
C ARG B 290 -4.58 14.91 14.60
N GLU B 291 -5.05 14.30 13.52
CA GLU B 291 -5.19 14.95 12.23
C GLU B 291 -5.98 14.02 11.32
N VAL B 292 -6.85 14.58 10.49
CA VAL B 292 -7.56 13.78 9.48
C VAL B 292 -6.59 13.51 8.32
N VAL B 293 -6.08 12.29 8.29
CA VAL B 293 -5.13 11.86 7.26
C VAL B 293 -5.90 11.41 6.00
N ASP B 294 -6.90 10.55 6.22
CA ASP B 294 -7.65 9.95 5.11
C ASP B 294 -8.95 9.38 5.68
N THR B 295 -10.09 9.95 5.27
CA THR B 295 -11.39 9.52 5.79
C THR B 295 -11.87 8.16 5.28
N THR B 296 -11.13 7.60 4.33
CA THR B 296 -11.57 6.33 3.76
C THR B 296 -11.78 5.27 4.84
N GLY B 297 -12.94 4.61 4.82
CA GLY B 297 -13.27 3.59 5.79
C GLY B 297 -13.94 4.03 7.08
N ALA B 298 -14.10 5.35 7.28
CA ALA B 298 -14.66 5.86 8.57
C ALA B 298 -16.01 5.23 8.91
N GLY B 299 -16.94 5.25 7.94
CA GLY B 299 -18.27 4.72 8.18
C GLY B 299 -18.21 3.19 8.33
N ASP B 300 -17.33 2.56 7.56
CA ASP B 300 -17.18 1.11 7.60
C ASP B 300 -16.76 0.67 8.98
N LEU B 301 -15.82 1.41 9.56
CA LEU B 301 -15.27 1.05 10.86
C LEU B 301 -16.19 1.46 12.03
N PHE B 302 -16.98 2.52 11.82
CA PHE B 302 -18.11 2.83 12.72
C PHE B 302 -19.03 1.62 12.84
N ALA B 303 -19.40 1.06 11.69
CA ALA B 303 -20.20 -0.15 11.71
C ALA B 303 -19.51 -1.37 12.38
N SER B 304 -18.20 -1.55 12.15
CA SER B 304 -17.42 -2.56 12.88
C SER B 304 -17.61 -2.48 14.40
N GLY B 305 -17.32 -1.27 14.90
CA GLY B 305 -17.37 -0.98 16.34
C GLY B 305 -18.78 -1.15 16.89
N PHE B 306 -19.76 -0.59 16.18
CA PHE B 306 -21.15 -0.73 16.59
C PHE B 306 -21.61 -2.19 16.63
N LEU B 307 -21.35 -2.93 15.54
CA LEU B 307 -21.84 -4.32 15.44
C LEU B 307 -21.11 -5.29 16.35
N TYR B 308 -19.80 -5.10 16.55
CA TYR B 308 -19.03 -5.78 17.60
C TYR B 308 -19.70 -5.59 18.95
N GLY B 309 -19.96 -4.34 19.27
CA GLY B 309 -20.61 -4.00 20.56
C GLY B 309 -21.96 -4.68 20.65
N TYR B 310 -22.72 -4.63 19.54
CA TYR B 310 -24.08 -5.12 19.50
C TYR B 310 -24.14 -6.63 19.71
N THR B 311 -23.23 -7.34 19.06
CA THR B 311 -23.15 -8.79 19.19
C THR B 311 -22.44 -9.26 20.47
N GLN B 312 -21.90 -8.31 21.24
CA GLN B 312 -21.37 -8.61 22.57
C GLN B 312 -22.38 -8.26 23.66
N GLY B 313 -23.59 -7.87 23.24
CA GLY B 313 -24.66 -7.51 24.18
C GLY B 313 -24.51 -6.17 24.89
N ARG B 314 -23.74 -5.26 24.29
CA ARG B 314 -23.46 -3.97 24.92
C ARG B 314 -24.63 -3.00 24.72
N SER B 315 -24.76 -2.00 25.60
CA SER B 315 -25.79 -0.95 25.44
C SER B 315 -25.64 -0.23 24.09
N LEU B 316 -26.75 0.30 23.54
CA LEU B 316 -26.68 1.06 22.29
C LEU B 316 -25.68 2.24 22.37
N GLU B 317 -25.62 2.93 23.51
CA GLU B 317 -24.65 4.00 23.69
C GLU B 317 -23.20 3.47 23.61
N ASP B 318 -22.97 2.30 24.21
CA ASP B 318 -21.64 1.67 24.15
C ASP B 318 -21.26 1.17 22.76
N CYS B 319 -22.24 0.68 22.01
CA CYS B 319 -22.05 0.32 20.61
C CYS B 319 -21.62 1.56 19.81
N GLY B 320 -22.34 2.66 20.02
CA GLY B 320 -21.96 3.93 19.41
C GLY B 320 -20.56 4.37 19.82
N LYS B 321 -20.23 4.24 21.10
CA LYS B 321 -18.86 4.60 21.51
C LYS B 321 -17.80 3.74 20.81
N LEU B 322 -18.07 2.44 20.68
CA LEU B 322 -17.13 1.54 20.01
C LEU B 322 -16.98 1.88 18.52
N GLY B 323 -18.11 2.19 17.89
CA GLY B 323 -18.13 2.74 16.52
C GLY B 323 -17.28 3.98 16.31
N CYS B 324 -17.44 4.97 17.22
CA CYS B 324 -16.71 6.22 17.09
C CYS B 324 -15.22 6.00 17.32
N LEU B 325 -14.89 5.08 18.22
CA LEU B 325 -13.48 4.77 18.49
C LEU B 325 -12.81 4.19 17.25
N ALA B 326 -13.45 3.17 16.68
CA ALA B 326 -12.94 2.53 15.48
C ALA B 326 -12.84 3.49 14.30
N ALA B 327 -13.90 4.27 14.05
CA ALA B 327 -13.88 5.31 13.01
C ALA B 327 -12.77 6.32 13.21
N GLY B 328 -12.64 6.81 14.45
CA GLY B 328 -11.59 7.78 14.77
C GLY B 328 -10.19 7.26 14.51
N ILE B 329 -9.98 5.96 14.72
CA ILE B 329 -8.69 5.33 14.49
C ILE B 329 -8.38 5.21 12.99
N VAL B 330 -9.36 4.78 12.21
CA VAL B 330 -9.06 4.56 10.79
C VAL B 330 -8.77 5.87 10.02
N ILE B 331 -9.34 7.00 10.45
CA ILE B 331 -9.14 8.25 9.69
C ILE B 331 -7.76 8.91 9.91
N GLN B 332 -7.02 8.34 10.86
CA GLN B 332 -5.68 8.83 11.20
C GLN B 332 -4.57 8.03 10.52
N GLN B 333 -4.96 7.19 9.56
CA GLN B 333 -4.00 6.44 8.76
C GLN B 333 -4.42 6.49 7.30
N ILE B 334 -3.46 6.22 6.41
CA ILE B 334 -3.76 5.98 5.00
C ILE B 334 -4.36 4.59 4.90
N GLY B 335 -5.42 4.46 4.11
CA GLY B 335 -5.98 3.13 3.83
C GLY B 335 -7.11 2.72 4.75
N PRO B 336 -7.95 1.80 4.30
CA PRO B 336 -9.27 1.67 4.88
C PRO B 336 -9.43 0.66 6.01
N ARG B 337 -8.38 -0.09 6.35
CA ARG B 337 -8.48 -1.09 7.38
C ARG B 337 -7.39 -0.81 8.38
N PRO B 338 -7.79 -0.62 9.66
CA PRO B 338 -6.82 -0.25 10.70
C PRO B 338 -5.66 -1.24 10.77
N MSE B 339 -4.44 -0.70 10.72
CA MSE B 339 -3.21 -1.47 10.84
C MSE B 339 -2.72 -1.63 12.26
O MSE B 339 -1.67 -2.24 12.49
CB MSE B 339 -2.11 -0.78 10.02
CG MSE B 339 -2.56 -0.51 8.58
SE MSE B 339 -1.28 0.68 7.66
CE MSE B 339 -1.20 2.15 8.97
N THR B 340 -3.46 -1.08 13.22
CA THR B 340 -3.17 -1.22 14.65
C THR B 340 -4.29 -2.01 15.30
N SER B 341 -4.05 -2.54 16.50
CA SER B 341 -5.04 -3.36 17.17
C SER B 341 -6.19 -2.55 17.73
N LEU B 342 -7.39 -2.79 17.21
CA LEU B 342 -8.59 -2.12 17.71
C LEU B 342 -9.01 -2.62 19.09
N SER B 343 -8.80 -3.91 19.35
CA SER B 343 -9.09 -4.50 20.66
C SER B 343 -8.28 -3.83 21.76
N GLU B 344 -6.98 -3.60 21.49
CA GLU B 344 -6.11 -2.93 22.45
CA GLU B 344 -6.08 -2.92 22.42
C GLU B 344 -6.53 -1.47 22.65
N ALA B 345 -6.90 -0.80 21.55
CA ALA B 345 -7.38 0.58 21.62
C ALA B 345 -8.64 0.68 22.49
N ALA B 346 -9.58 -0.24 22.25
CA ALA B 346 -10.81 -0.36 23.03
C ALA B 346 -10.55 -0.58 24.53
N LYS B 347 -9.59 -1.46 24.85
CA LYS B 347 -9.24 -1.75 26.23
C LYS B 347 -8.62 -0.53 26.89
N GLN B 348 -7.75 0.19 26.15
CA GLN B 348 -7.15 1.40 26.72
C GLN B 348 -8.18 2.53 26.93
N ALA B 349 -9.15 2.58 26.04
CA ALA B 349 -10.21 3.60 26.08
C ALA B 349 -11.25 3.33 27.16
N GLY B 350 -11.21 2.14 27.75
CA GLY B 350 -12.11 1.75 28.84
C GLY B 350 -13.41 1.13 28.35
N LEU B 351 -13.48 0.85 27.05
CA LEU B 351 -14.65 0.24 26.44
C LEU B 351 -14.49 -1.28 26.49
N ILE B 352 -13.24 -1.70 26.61
CA ILE B 352 -12.73 -3.09 26.58
C ILE B 352 -13.36 -4.06 25.59
O5' ADN C . 15.68 -1.43 -0.44
C5' ADN C . 14.34 -1.79 -0.19
C4' ADN C . 13.74 -2.33 -1.49
O4' ADN C . 14.48 -3.50 -1.73
C3' ADN C . 12.28 -2.76 -1.39
O3' ADN C . 11.46 -1.78 -2.01
C2' ADN C . 12.27 -4.09 -2.16
O2' ADN C . 11.37 -4.07 -3.26
C1' ADN C . 13.68 -4.15 -2.70
N9 ADN C . 14.16 -5.53 -2.89
C8 ADN C . 13.89 -6.63 -2.17
N7 ADN C . 14.55 -7.70 -2.71
C5 ADN C . 15.26 -7.27 -3.75
C6 ADN C . 16.14 -7.86 -4.79
N6 ADN C . 16.43 -9.18 -4.73
N1 ADN C . 16.63 -7.04 -5.73
C2 ADN C . 16.35 -5.73 -5.81
N3 ADN C . 15.55 -5.14 -4.89
C4 ADN C . 15.00 -5.83 -3.89
C QNC D . 33.05 -12.66 6.44
O QNC D . 33.45 -13.62 5.75
N1 QNC D . 30.71 -13.05 5.74
C2 QNC D . 31.62 -12.24 6.34
C3 QNC D . 31.24 -11.00 6.87
C4 QNC D . 29.91 -10.58 6.79
C5 QNC D . 27.62 -11.07 6.08
C6 QNC D . 26.74 -11.95 5.44
C7 QNC D . 27.16 -13.19 4.91
C8 QNC D . 28.49 -13.56 5.01
C4A QNC D . 28.96 -11.40 6.18
C8A QNC D . 29.41 -12.71 5.63
O2 QNC D . 33.82 -12.06 7.20
S DMS E . 3.26 -14.74 -2.80
O DMS E . 4.23 -14.73 -3.93
C1 DMS E . 2.40 -13.29 -2.91
C2 DMS E . 2.03 -15.82 -3.27
S DMS F . 4.26 -16.75 -7.62
O DMS F . 2.83 -16.79 -7.37
C1 DMS F . 4.97 -17.16 -6.11
C2 DMS F . 4.68 -18.08 -8.59
S DMS G . 22.87 -6.19 5.94
O DMS G . 22.15 -7.45 5.58
C1 DMS G . 23.29 -5.39 4.49
C2 DMS G . 21.75 -5.10 6.63
S DMS H . 20.45 -15.03 3.17
O DMS H . 20.76 -14.70 1.76
C1 DMS H . 20.01 -13.60 3.97
C2 DMS H . 18.95 -15.82 3.32
O5' ADN I . -15.75 3.08 2.50
C5' ADN I . -14.45 3.06 1.95
C4' ADN I . -14.39 1.86 0.98
O4' ADN I . -15.38 1.97 -0.03
C3' ADN I . -13.05 1.73 0.25
O3' ADN I . -12.21 0.79 0.91
C2' ADN I . -13.46 1.22 -1.13
O2' ADN I . -12.84 -0.01 -1.47
C1' ADN I . -14.93 0.99 -0.93
N9 ADN I . -15.70 1.11 -2.18
C8 ADN I . -15.53 1.96 -3.21
N7 ADN I . -16.52 1.75 -4.15
C5 ADN I . -17.34 0.83 -3.66
C6 ADN I . -18.54 0.15 -4.16
N6 ADN I . -19.07 0.53 -5.35
N1 ADN I . -19.10 -0.78 -3.38
C2 ADN I . -18.60 -1.16 -2.17
N3 ADN I . -17.49 -0.57 -1.68
C4 ADN I . -16.85 0.41 -2.34
C QNC J . -32.78 15.34 -2.97
O QNC J . -33.52 14.93 -3.89
N1 QNC J . -30.84 14.26 -4.02
C2 QNC J . -31.36 14.89 -2.93
C3 QNC J . -30.60 15.14 -1.77
C4 QNC J . -29.27 14.75 -1.70
C5 QNC J . -27.39 13.68 -2.84
C6 QNC J . -26.88 13.02 -3.96
C7 QNC J . -27.67 12.81 -5.10
C8 QNC J . -29.01 13.22 -5.13
C4A QNC J . -28.71 14.10 -2.82
C8A QNC J . -29.56 13.86 -4.02
O2 QNC J . -33.18 16.14 -2.08
S DMS K . -9.70 -3.35 -16.12
O DMS K . -10.23 -3.87 -17.39
C1 DMS K . -8.02 -3.45 -16.17
C2 DMS K . -9.90 -1.66 -16.16
S DMS L . -7.26 0.69 -13.72
O DMS L . -8.37 -0.26 -13.54
C1 DMS L . -6.13 0.38 -12.49
C2 DMS L . -6.45 0.21 -15.14
#